data_9DK1
#
_entry.id   9DK1
#
_cell.length_a   57.704
_cell.length_b   90.280
_cell.length_c   148.953
_cell.angle_alpha   90.000
_cell.angle_beta   90.000
_cell.angle_gamma   90.000
#
_symmetry.space_group_name_H-M   'P 21 21 21'
#
loop_
_entity.id
_entity.type
_entity.pdbx_description
1 polymer Kinase
2 polymer Lyase
3 non-polymer 'SODIUM ION'
4 non-polymer GLYCEROL
5 non-polymer 'ACETIC ACID'
6 water water
#
loop_
_entity_poly.entity_id
_entity_poly.type
_entity_poly.pdbx_seq_one_letter_code
_entity_poly.pdbx_strand_id
1 'polypeptide(L)'
;GAMTTTTAERPRTRQRYRPTELDTVPAVNALLLRLGLGRLDAAATTAFGGRNDNWAGPTTTGEQVFVKTVTPLPDGTGCP
ELDRSLSFEDLAARLTPASPLRSPGLLGADPAAGVMVHRLVPGARSGAELALDGDFDDDLCRSAGRAVGTLHGLGPVDGL
DTGEAPLPPLSWLKALPWSAVQERSMAQIAAWQLVQDDTEVVDALHRLRDLERTVPLAPAHCDLRFDQFIRADEGAGELY
LVDWEEFRLADPARDVGAFAGEWLFHATYSVFAPTEAGAGRPEESTAGFGLTHEEIVARGSASLRRHLPRIAAFWQGYLE
CRPQALALDAGLPERAAAYAGWHMYDRLIATAESHATLNPVARAAAGIGRTVLLGPSAAARTLGLSAERTPYTPHATNGS
DHR
;
A
2 'polypeptide(L)'
;GAMTTALLNSPVPDASPVARHRGLAPRLAEALDAVSVAPGARRASVAGRTVTADSPRDLRGRLTNALYEELHAGRHRGGA
VPDGPPPRRTLRDPALEARLAAAVPHRTTPTRGRLVEVLRRPDGDQLVVRLPEVTARVPADRLLSPSVPPAPGETVELAL
EAARPALSPGFFYVMGSRPLPRPAGAVRRIFLHARDADAAVVLWGAALGALEEAAALYHAKVLSDPQDFPRRDAVVLYLH
GDHRPGERAVTEAVSRYAGTLTGPDTSVFTEELAPGVAAAWDPQDPRPGQSGMSFGQHRAFALASGLIDCALADGSEASD
ASGASGASEATEAADAPRPSDAPVGPGRAEHVVRALREAGIDPLHPQNNLDPSPGAAR
;
B
#
loop_
_chem_comp.id
_chem_comp.type
_chem_comp.name
_chem_comp.formula
ACY non-polymer 'ACETIC ACID' 'C2 H4 O2'
GOL non-polymer GLYCEROL 'C3 H8 O3'
NA non-polymer 'SODIUM ION' 'Na 1'
#
# COMPACT_ATOMS: atom_id res chain seq x y z
N ASP A 23 -13.09 22.49 -5.71
CA ASP A 23 -14.02 21.70 -4.86
C ASP A 23 -14.40 22.55 -3.66
N THR A 24 -13.50 22.59 -2.66
CA THR A 24 -13.75 23.21 -1.37
C THR A 24 -13.05 24.56 -1.27
N VAL A 25 -12.53 25.07 -2.38
CA VAL A 25 -11.90 26.42 -2.37
C VAL A 25 -12.89 27.51 -1.92
N PRO A 26 -14.13 27.63 -2.45
CA PRO A 26 -15.07 28.63 -1.91
C PRO A 26 -15.09 28.78 -0.39
N ALA A 27 -15.35 27.67 0.31
CA ALA A 27 -15.54 27.69 1.74
C ALA A 27 -14.25 28.08 2.48
N VAL A 28 -13.11 27.83 1.83
CA VAL A 28 -11.80 28.13 2.45
C VAL A 28 -11.49 29.62 2.27
N ASN A 29 -11.78 30.14 1.10
CA ASN A 29 -11.50 31.57 0.80
C ASN A 29 -12.47 32.46 1.60
N ALA A 30 -13.64 31.94 1.93
CA ALA A 30 -14.66 32.69 2.70
C ALA A 30 -14.25 32.86 4.16
N LEU A 31 -13.65 31.83 4.76
CA LEU A 31 -13.17 31.92 6.16
C LEU A 31 -11.95 32.84 6.22
N LEU A 32 -11.05 32.70 5.27
CA LEU A 32 -9.81 33.52 5.28
C LEU A 32 -10.21 34.99 5.13
N LEU A 33 -11.22 35.26 4.32
CA LEU A 33 -11.70 36.65 4.11
C LEU A 33 -12.31 37.18 5.40
N ARG A 34 -13.16 36.39 6.03
CA ARG A 34 -13.82 36.82 7.28
C ARG A 34 -12.81 36.92 8.42
N LEU A 35 -11.66 36.27 8.30
CA LEU A 35 -10.66 36.41 9.35
C LEU A 35 -9.64 37.52 9.09
N GLY A 36 -9.68 38.19 7.92
CA GLY A 36 -8.72 39.25 7.61
C GLY A 36 -7.45 38.71 6.99
N LEU A 37 -7.49 37.46 6.49
CA LEU A 37 -6.26 36.80 5.98
C LEU A 37 -6.24 36.87 4.45
N GLY A 38 -7.21 37.56 3.85
CA GLY A 38 -7.23 37.75 2.40
C GLY A 38 -7.59 36.50 1.66
N ARG A 39 -6.73 36.08 0.76
CA ARG A 39 -6.97 34.85 -0.02
C ARG A 39 -5.69 34.04 -0.02
N LEU A 40 -5.78 32.78 -0.40
CA LEU A 40 -4.56 31.95 -0.52
C LEU A 40 -3.79 32.37 -1.77
N ASP A 41 -2.52 32.71 -1.63
CA ASP A 41 -1.69 33.02 -2.83
C ASP A 41 -1.34 31.70 -3.53
N ALA A 42 -0.91 31.76 -4.79
CA ALA A 42 -0.57 30.55 -5.56
C ALA A 42 0.83 30.08 -5.18
N ALA A 43 1.30 30.46 -3.98
CA ALA A 43 2.60 29.95 -3.49
C ALA A 43 2.35 28.84 -2.47
N ALA A 44 1.15 28.25 -2.50
CA ALA A 44 0.77 27.20 -1.51
C ALA A 44 1.13 25.80 -2.03
N ASN A 52 -9.41 15.19 3.95
CA ASN A 52 -9.76 15.57 2.55
C ASN A 52 -8.57 16.30 1.94
N ASP A 53 -8.63 17.62 1.84
CA ASP A 53 -7.56 18.41 1.17
C ASP A 53 -6.89 19.35 2.18
N ASN A 54 -5.68 19.79 1.85
CA ASN A 54 -4.92 20.66 2.78
C ASN A 54 -4.20 21.72 1.97
N TRP A 55 -3.79 22.80 2.64
CA TRP A 55 -3.11 23.91 1.96
C TRP A 55 -2.19 24.55 3.00
N ALA A 56 -0.99 24.93 2.58
CA ALA A 56 -0.06 25.61 3.48
C ALA A 56 0.68 26.66 2.66
N GLY A 57 0.97 27.81 3.26
CA GLY A 57 1.72 28.84 2.55
C GLY A 57 1.28 30.25 2.87
N PRO A 58 1.66 31.23 2.05
CA PRO A 58 1.37 32.62 2.37
C PRO A 58 -0.03 33.08 1.95
N THR A 59 -0.59 34.02 2.69
CA THR A 59 -1.89 34.60 2.31
C THR A 59 -1.60 35.90 1.57
N THR A 60 -2.58 36.42 0.85
CA THR A 60 -2.42 37.72 0.17
C THR A 60 -1.92 38.74 1.19
N THR A 61 -2.22 38.53 2.47
CA THR A 61 -1.80 39.46 3.54
C THR A 61 -0.41 39.06 4.00
N GLY A 62 0.10 37.95 3.50
CA GLY A 62 1.45 37.49 3.87
C GLY A 62 1.53 36.69 5.17
N GLU A 63 0.40 36.34 5.74
CA GLU A 63 0.43 35.49 6.95
C GLU A 63 0.53 34.05 6.49
N GLN A 64 1.39 33.28 7.15
CA GLN A 64 1.58 31.85 6.77
C GLN A 64 0.51 31.04 7.49
N VAL A 65 -0.29 30.31 6.72
CA VAL A 65 -1.43 29.59 7.33
C VAL A 65 -1.44 28.14 6.87
N PHE A 66 -1.93 27.26 7.73
CA PHE A 66 -2.13 25.86 7.30
C PHE A 66 -3.64 25.66 7.23
N VAL A 67 -4.15 25.40 6.03
CA VAL A 67 -5.62 25.24 5.87
C VAL A 67 -5.93 23.75 5.83
N LYS A 68 -6.74 23.28 6.76
CA LYS A 68 -7.15 21.86 6.77
C LYS A 68 -8.62 21.79 6.40
N THR A 69 -8.97 20.80 5.58
CA THR A 69 -10.39 20.61 5.23
C THR A 69 -10.81 19.19 5.57
N VAL A 70 -11.95 19.04 6.24
CA VAL A 70 -12.51 17.70 6.53
C VAL A 70 -13.92 17.72 5.94
N THR A 71 -14.31 16.66 5.26
CA THR A 71 -15.67 16.60 4.66
C THR A 71 -16.70 16.40 5.77
N PRO A 72 -17.71 17.28 5.88
CA PRO A 72 -18.67 17.21 6.96
C PRO A 72 -19.80 16.20 6.74
N GLY A 78 -22.97 17.20 11.65
CA GLY A 78 -21.94 18.26 11.55
C GLY A 78 -20.59 17.70 11.10
N CYS A 79 -19.53 18.15 11.78
CA CYS A 79 -18.18 17.68 11.51
C CYS A 79 -17.43 17.32 12.81
N PRO A 80 -17.44 16.04 13.23
CA PRO A 80 -16.88 15.66 14.55
C PRO A 80 -15.36 15.72 14.73
N GLU A 81 -14.61 15.53 13.67
CA GLU A 81 -13.14 15.64 13.73
C GLU A 81 -12.77 17.08 14.09
N LEU A 82 -13.52 18.03 13.57
CA LEU A 82 -13.25 19.46 13.83
C LEU A 82 -13.76 19.83 15.22
N ASP A 83 -14.80 19.17 15.68
CA ASP A 83 -15.30 19.38 17.06
C ASP A 83 -14.25 18.86 18.03
N ARG A 84 -13.55 17.80 17.66
CA ARG A 84 -12.46 17.24 18.49
C ARG A 84 -11.27 18.19 18.41
N SER A 85 -10.83 18.54 17.20
CA SER A 85 -9.79 19.55 17.06
C SER A 85 -10.04 20.78 17.95
N LEU A 86 -11.28 21.28 17.95
CA LEU A 86 -11.60 22.49 18.67
C LEU A 86 -11.57 22.22 20.17
N SER A 87 -12.10 21.08 20.62
CA SER A 87 -12.01 20.73 22.03
C SER A 87 -10.54 20.72 22.46
N PHE A 88 -9.60 20.46 21.57
CA PHE A 88 -8.19 20.58 21.98
C PHE A 88 -7.77 22.04 22.05
N GLU A 89 -8.15 22.85 21.06
CA GLU A 89 -7.71 24.27 20.98
C GLU A 89 -8.23 25.07 22.17
N ASP A 90 -9.36 24.68 22.74
CA ASP A 90 -9.85 25.34 23.96
C ASP A 90 -8.87 25.10 25.10
N LEU A 91 -8.49 23.85 25.34
CA LEU A 91 -7.58 23.50 26.47
C LEU A 91 -6.17 24.00 26.19
N ALA A 92 -5.76 23.99 24.93
CA ALA A 92 -4.40 24.43 24.55
C ALA A 92 -4.22 25.91 24.81
N ALA A 93 -5.32 26.67 24.75
CA ALA A 93 -5.27 28.11 25.05
C ALA A 93 -4.83 28.31 26.49
N ARG A 94 -5.34 27.50 27.41
CA ARG A 94 -4.92 27.56 28.83
C ARG A 94 -3.55 26.90 29.02
N LEU A 95 -2.57 27.19 28.17
CA LEU A 95 -1.24 26.53 28.25
C LEU A 95 -0.11 27.55 28.05
N THR A 96 0.89 27.53 28.93
CA THR A 96 2.02 28.48 28.85
C THR A 96 2.84 28.22 27.60
N PRO A 97 3.72 29.15 27.17
CA PRO A 97 4.60 28.87 26.05
C PRO A 97 5.80 28.11 26.62
N ALA A 98 5.76 27.81 27.92
CA ALA A 98 6.82 26.99 28.53
C ALA A 98 6.32 25.55 28.73
N SER A 99 5.18 25.21 28.13
CA SER A 99 4.64 23.83 28.20
C SER A 99 5.45 22.96 27.25
N PRO A 100 5.85 21.73 27.64
CA PRO A 100 6.54 20.84 26.72
C PRO A 100 5.62 20.57 25.53
N LEU A 101 4.30 20.74 25.73
CA LEU A 101 3.30 20.59 24.70
C LEU A 101 2.93 21.93 24.08
N ARG A 102 3.47 22.00 22.74
CA ARG A 102 3.18 23.22 21.94
C ARG A 102 2.31 22.84 20.74
N SER A 103 1.35 23.69 20.42
CA SER A 103 0.53 23.45 19.22
C SER A 103 0.37 24.75 18.45
N PRO A 104 0.28 24.70 17.11
CA PRO A 104 0.07 25.88 16.28
C PRO A 104 -1.23 26.60 16.66
N GLY A 105 -1.16 27.93 16.72
CA GLY A 105 -2.34 28.69 17.10
C GLY A 105 -3.44 28.55 16.04
N LEU A 106 -4.67 28.37 16.53
CA LEU A 106 -5.85 28.34 15.71
C LEU A 106 -6.25 29.75 15.33
N LEU A 107 -6.35 30.03 14.02
CA LEU A 107 -6.68 31.35 13.55
C LEU A 107 -8.19 31.47 13.37
N GLY A 108 -8.80 30.39 12.87
CA GLY A 108 -10.24 30.26 12.86
C GLY A 108 -10.70 28.93 12.28
N ALA A 109 -12.02 28.80 12.13
CA ALA A 109 -12.67 27.57 11.76
C ALA A 109 -14.13 27.86 11.39
N ASP A 110 -14.62 27.06 10.44
CA ASP A 110 -16.01 26.99 10.05
C ASP A 110 -16.40 25.52 10.10
N PRO A 111 -16.95 25.03 11.23
CA PRO A 111 -17.03 23.59 11.45
C PRO A 111 -18.04 22.97 10.49
N ALA A 112 -19.08 23.75 10.15
CA ALA A 112 -20.17 23.32 9.28
C ALA A 112 -19.72 23.17 7.84
N ALA A 113 -18.57 23.76 7.47
CA ALA A 113 -18.01 23.58 6.15
C ALA A 113 -16.78 22.68 6.22
N GLY A 114 -16.39 22.30 7.43
CA GLY A 114 -15.20 21.48 7.65
C GLY A 114 -13.91 22.18 7.27
N VAL A 115 -13.78 23.48 7.62
CA VAL A 115 -12.54 24.23 7.41
C VAL A 115 -11.98 24.64 8.76
N MET A 116 -10.68 24.41 8.94
CA MET A 116 -9.91 24.99 10.01
C MET A 116 -8.70 25.72 9.44
N VAL A 117 -8.28 26.82 10.06
CA VAL A 117 -7.05 27.51 9.69
C VAL A 117 -6.16 27.66 10.94
N HIS A 118 -4.88 27.36 10.80
CA HIS A 118 -3.94 27.55 11.89
C HIS A 118 -2.74 28.32 11.37
N ARG A 119 -1.95 28.85 12.31
CA ARG A 119 -0.69 29.49 11.96
C ARG A 119 0.25 28.38 11.51
N LEU A 120 0.83 28.56 10.32
CA LEU A 120 1.88 27.67 9.84
C LEU A 120 3.09 27.81 10.73
N VAL A 121 3.69 26.67 11.08
CA VAL A 121 4.93 26.64 11.85
C VAL A 121 6.05 26.99 10.88
N PRO A 122 6.87 28.02 11.20
CA PRO A 122 7.92 28.50 10.29
C PRO A 122 9.02 27.45 10.08
N GLY A 123 9.30 27.15 8.81
CA GLY A 123 10.23 26.08 8.48
C GLY A 123 9.84 24.77 9.14
N ALA A 124 8.63 24.31 8.85
CA ALA A 124 8.10 23.07 9.47
C ALA A 124 8.75 21.82 8.91
N ARG A 125 9.32 21.00 9.79
CA ARG A 125 9.87 19.71 9.34
C ARG A 125 9.14 18.64 10.14
N SER A 126 8.43 17.75 9.45
CA SER A 126 7.65 16.72 10.15
C SER A 126 8.58 15.71 10.78
N GLY A 127 8.07 14.93 11.73
CA GLY A 127 8.88 13.89 12.35
C GLY A 127 9.09 12.71 11.43
N ALA A 128 8.28 12.58 10.39
CA ALA A 128 8.54 11.47 9.48
C ALA A 128 9.80 11.74 8.67
N GLU A 129 9.92 12.97 8.15
CA GLU A 129 11.11 13.46 7.47
C GLU A 129 12.35 13.30 8.35
N LEU A 130 12.24 13.75 9.61
CA LEU A 130 13.34 13.72 10.57
C LEU A 130 13.85 12.31 10.84
N ALA A 131 12.93 11.38 11.07
CA ALA A 131 13.24 9.97 11.34
C ALA A 131 13.85 9.31 10.09
N LEU A 132 13.37 9.69 8.90
CA LEU A 132 13.97 9.20 7.66
C LEU A 132 15.40 9.73 7.48
N ASP A 133 15.72 10.90 8.06
CA ASP A 133 17.05 11.47 7.95
C ASP A 133 17.89 11.23 9.22
N GLY A 134 17.41 10.43 10.16
CA GLY A 134 18.16 10.13 11.37
C GLY A 134 18.23 11.29 12.37
N ASP A 135 17.39 12.29 12.16
CA ASP A 135 17.38 13.48 13.04
C ASP A 135 16.31 13.34 14.14
N PHE A 136 15.52 12.27 14.14
CA PHE A 136 14.57 12.05 15.27
C PHE A 136 15.36 11.34 16.34
N ASP A 137 16.12 12.10 17.13
CA ASP A 137 17.07 11.51 18.11
C ASP A 137 16.44 11.20 19.45
N ASP A 138 17.25 10.70 20.36
CA ASP A 138 16.77 10.36 21.70
C ASP A 138 16.22 11.59 22.42
N ASP A 139 16.85 12.75 22.19
CA ASP A 139 16.48 14.01 22.83
C ASP A 139 15.09 14.45 22.38
N LEU A 140 14.93 14.43 21.06
CA LEU A 140 13.63 14.76 20.49
C LEU A 140 12.54 13.77 20.90
N CYS A 141 12.88 12.48 21.11
CA CYS A 141 11.91 11.50 21.61
C CYS A 141 11.53 11.84 23.06
N ARG A 142 12.47 12.38 23.83
CA ARG A 142 12.17 12.75 25.24
C ARG A 142 11.22 13.95 25.26
N SER A 143 11.40 14.87 24.33
CA SER A 143 10.53 16.07 24.24
C SER A 143 9.13 15.64 23.81
N ALA A 144 9.06 14.60 23.00
CA ALA A 144 7.76 14.07 22.54
C ALA A 144 7.03 13.44 23.73
N GLY A 145 7.74 12.71 24.58
CA GLY A 145 7.13 12.09 25.76
C GLY A 145 6.67 13.13 26.73
N ARG A 146 7.47 14.19 26.88
CA ARG A 146 7.10 15.31 27.78
C ARG A 146 5.84 15.98 27.25
N ALA A 147 5.79 16.28 25.95
CA ALA A 147 4.57 16.81 25.35
C ALA A 147 3.38 15.89 25.56
N VAL A 148 3.57 14.59 25.32
CA VAL A 148 2.48 13.62 25.48
C VAL A 148 2.17 13.42 26.96
N GLY A 149 3.20 13.37 27.81
CA GLY A 149 2.94 13.26 29.25
C GLY A 149 2.15 14.46 29.76
N THR A 150 2.53 15.65 29.28
CA THR A 150 1.87 16.90 29.61
C THR A 150 0.42 16.83 29.14
N LEU A 151 0.22 16.47 27.86
CA LEU A 151 -1.11 16.35 27.30
C LEU A 151 -2.04 15.50 28.17
N HIS A 152 -1.55 14.39 28.69
CA HIS A 152 -2.43 13.44 29.42
C HIS A 152 -2.79 13.94 30.82
N GLY A 153 -2.05 14.93 31.33
CA GLY A 153 -2.37 15.52 32.64
C GLY A 153 -3.33 16.69 32.51
N LEU A 154 -3.43 17.28 31.33
CA LEU A 154 -4.39 18.38 31.08
C LEU A 154 -5.79 17.79 30.89
N PRO A 156 -9.25 20.80 32.23
CA PRO A 156 -10.66 20.41 32.29
C PRO A 156 -11.02 19.38 31.20
N VAL A 157 -11.48 18.21 31.60
CA VAL A 157 -11.81 17.11 30.64
C VAL A 157 -13.31 17.12 30.35
N ASP A 158 -13.95 18.27 30.51
CA ASP A 158 -15.43 18.28 30.38
C ASP A 158 -15.90 18.45 28.92
N GLY A 159 -15.16 19.18 28.10
CA GLY A 159 -15.61 19.46 26.74
C GLY A 159 -15.34 18.34 25.72
N LEU A 160 -14.73 17.24 26.21
CA LEU A 160 -14.14 16.20 25.33
C LEU A 160 -15.01 15.03 24.90
N ASP A 161 -14.81 14.60 23.68
CA ASP A 161 -15.44 13.39 23.16
C ASP A 161 -14.99 12.16 23.98
N THR A 162 -15.98 11.40 24.48
CA THR A 162 -15.75 10.18 25.25
C THR A 162 -16.20 8.98 24.43
N GLY A 163 -16.54 9.22 23.17
CA GLY A 163 -16.71 8.12 22.23
C GLY A 163 -15.38 7.37 22.04
N GLU A 164 -15.47 6.08 21.75
CA GLU A 164 -14.25 5.33 21.59
C GLU A 164 -13.73 5.54 20.17
N ALA A 165 -12.43 5.71 20.06
CA ALA A 165 -11.78 5.83 18.75
C ALA A 165 -11.84 4.48 18.06
N PRO A 166 -12.27 4.44 16.78
CA PRO A 166 -12.39 3.19 16.05
C PRO A 166 -11.02 2.66 15.61
N LEU A 167 -10.06 2.62 16.52
CA LEU A 167 -8.69 2.16 16.21
C LEU A 167 -8.18 1.31 17.37
N PRO A 168 -8.04 -0.02 17.22
CA PRO A 168 -8.34 -0.70 15.96
C PRO A 168 -9.81 -0.73 15.53
N PRO A 169 -10.11 -0.78 14.22
CA PRO A 169 -11.51 -0.91 13.73
C PRO A 169 -12.09 -2.30 13.97
N LEU A 170 -12.85 -2.50 15.04
CA LEU A 170 -13.25 -3.86 15.41
C LEU A 170 -14.22 -4.50 14.40
N SER A 171 -15.17 -3.74 13.85
CA SER A 171 -16.12 -4.26 12.87
C SER A 171 -15.40 -4.72 11.62
N TRP A 172 -14.30 -4.05 11.23
CA TRP A 172 -13.49 -4.45 10.08
C TRP A 172 -12.75 -5.76 10.30
N LEU A 173 -12.43 -6.08 11.55
CA LEU A 173 -11.84 -7.36 11.94
C LEU A 173 -12.83 -8.50 11.68
N LYS A 174 -14.13 -8.18 11.72
CA LYS A 174 -15.13 -9.16 11.37
C LYS A 174 -15.32 -9.15 9.85
N ALA A 175 -15.48 -7.95 9.26
CA ALA A 175 -15.94 -7.74 7.90
C ALA A 175 -15.66 -6.30 7.46
N LEU A 176 -14.90 -6.11 6.40
CA LEU A 176 -14.77 -4.80 5.78
C LEU A 176 -16.08 -4.38 5.14
N PRO A 177 -16.49 -3.09 5.25
CA PRO A 177 -17.55 -2.56 4.41
C PRO A 177 -17.19 -2.75 2.96
N TRP A 178 -18.18 -3.16 2.15
CA TRP A 178 -17.94 -3.39 0.74
C TRP A 178 -17.35 -2.14 0.08
N SER A 179 -17.81 -0.96 0.48
CA SER A 179 -17.36 0.27 -0.16
C SER A 179 -15.90 0.58 0.16
N ALA A 180 -15.39 0.03 1.28
CA ALA A 180 -14.01 0.19 1.69
C ALA A 180 -13.12 -0.81 0.95
N VAL A 181 -13.65 -2.00 0.67
CA VAL A 181 -12.95 -2.93 -0.19
C VAL A 181 -12.70 -2.29 -1.56
N GLN A 182 -13.63 -1.50 -2.05
CA GLN A 182 -13.49 -0.96 -3.43
C GLN A 182 -12.60 0.27 -3.44
N GLU A 183 -12.00 0.61 -2.32
CA GLU A 183 -11.09 1.78 -2.24
C GLU A 183 -9.72 1.34 -1.74
N ARG A 184 -9.45 0.05 -1.77
CA ARG A 184 -8.18 -0.47 -1.27
C ARG A 184 -7.47 -1.30 -2.34
N SER A 185 -6.18 -1.46 -2.12
CA SER A 185 -5.33 -2.29 -3.00
C SER A 185 -5.50 -3.77 -2.67
N MET A 186 -4.97 -4.62 -3.54
CA MET A 186 -5.00 -6.08 -3.34
C MET A 186 -4.15 -6.44 -2.13
N ALA A 187 -3.05 -5.72 -1.94
CA ALA A 187 -2.19 -6.01 -0.82
C ALA A 187 -2.89 -5.62 0.49
N GLN A 188 -3.57 -4.47 0.50
CA GLN A 188 -4.32 -4.05 1.65
C GLN A 188 -5.40 -5.05 1.95
N ILE A 189 -6.13 -5.47 0.91
CA ILE A 189 -7.19 -6.45 1.08
C ILE A 189 -6.66 -7.75 1.66
N ALA A 190 -5.47 -8.18 1.21
CA ALA A 190 -4.78 -9.38 1.67
C ALA A 190 -4.33 -9.23 3.12
N ALA A 191 -3.83 -8.05 3.45
CA ALA A 191 -3.42 -7.71 4.82
C ALA A 191 -4.62 -7.72 5.76
N TRP A 192 -5.78 -7.19 5.32
CA TRP A 192 -7.00 -7.28 6.11
C TRP A 192 -7.44 -8.72 6.33
N GLN A 193 -7.43 -9.55 5.29
CA GLN A 193 -7.92 -10.94 5.42
C GLN A 193 -7.03 -11.73 6.38
N LEU A 194 -5.74 -11.46 6.35
CA LEU A 194 -4.81 -12.20 7.22
C LEU A 194 -5.13 -11.89 8.68
N VAL A 195 -5.53 -10.66 8.98
CA VAL A 195 -5.87 -10.25 10.37
C VAL A 195 -7.25 -10.79 10.71
N GLN A 196 -8.20 -10.70 9.79
CA GLN A 196 -9.54 -11.23 10.03
C GLN A 196 -9.47 -12.72 10.38
N ASP A 197 -8.58 -13.47 9.70
CA ASP A 197 -8.49 -14.92 9.86
C ASP A 197 -7.59 -15.30 11.04
N ASP A 198 -7.02 -14.30 11.73
CA ASP A 198 -6.18 -14.55 12.90
C ASP A 198 -6.95 -14.31 14.20
N THR A 199 -7.67 -15.31 14.65
CA THR A 199 -8.55 -15.26 15.81
C THR A 199 -7.81 -14.76 17.03
N GLU A 200 -6.58 -15.20 17.24
CA GLU A 200 -5.86 -14.77 18.42
C GLU A 200 -5.71 -13.24 18.42
N VAL A 201 -5.35 -12.67 17.26
CA VAL A 201 -5.15 -11.24 17.15
C VAL A 201 -6.47 -10.48 17.29
N VAL A 202 -7.48 -10.94 16.58
CA VAL A 202 -8.82 -10.35 16.67
C VAL A 202 -9.33 -10.31 18.10
N ASP A 203 -9.15 -11.42 18.83
CA ASP A 203 -9.53 -11.49 20.23
C ASP A 203 -8.72 -10.53 21.09
N ALA A 204 -7.40 -10.47 20.88
CA ALA A 204 -6.53 -9.59 21.61
C ALA A 204 -6.94 -8.11 21.38
N LEU A 205 -7.38 -7.77 20.16
CA LEU A 205 -7.74 -6.39 19.89
C LEU A 205 -9.07 -6.07 20.58
N HIS A 206 -9.99 -7.02 20.63
CA HIS A 206 -11.30 -6.79 21.29
C HIS A 206 -11.06 -6.54 22.77
N ARG A 207 -10.15 -7.29 23.37
CA ARG A 207 -9.83 -7.13 24.79
C ARG A 207 -9.17 -5.77 25.03
N LEU A 208 -8.24 -5.37 24.16
CA LEU A 208 -7.54 -4.07 24.30
C LEU A 208 -8.58 -2.94 24.25
N ARG A 209 -9.52 -3.03 23.32
CA ARG A 209 -10.50 -1.95 23.26
C ARG A 209 -11.51 -2.00 24.43
N ASP A 210 -11.86 -3.21 24.87
CA ASP A 210 -12.71 -3.47 26.03
C ASP A 210 -12.10 -2.87 27.29
N LEU A 211 -10.79 -2.98 27.45
CA LEU A 211 -10.10 -2.49 28.62
C LEU A 211 -10.09 -0.96 28.77
N GLU A 212 -10.39 -0.23 27.68
CA GLU A 212 -10.35 1.23 27.71
C GLU A 212 -11.36 1.79 28.71
N ARG A 213 -12.47 1.10 28.95
CA ARG A 213 -13.50 1.64 29.85
C ARG A 213 -13.26 1.15 31.29
N THR A 214 -12.11 0.55 31.58
CA THR A 214 -11.82 -0.03 32.88
C THR A 214 -10.56 0.64 33.45
N VAL A 215 -10.04 1.66 32.75
CA VAL A 215 -8.81 2.33 33.11
C VAL A 215 -9.13 3.80 33.28
N PRO A 216 -8.26 4.53 34.02
CA PRO A 216 -8.31 6.00 34.10
C PRO A 216 -8.00 6.66 32.76
N LEU A 217 -8.96 7.42 32.25
CA LEU A 217 -8.79 8.05 30.94
C LEU A 217 -8.04 9.38 31.05
N ALA A 218 -7.46 9.81 29.92
CA ALA A 218 -6.77 11.08 29.84
C ALA A 218 -7.07 11.74 28.50
N PRO A 219 -6.86 13.06 28.37
CA PRO A 219 -6.93 13.73 27.08
C PRO A 219 -5.88 13.09 26.20
N ALA A 220 -6.30 12.47 25.11
CA ALA A 220 -5.39 11.69 24.32
C ALA A 220 -5.60 12.05 22.87
N HIS A 221 -4.47 12.14 22.17
CA HIS A 221 -4.43 12.48 20.77
C HIS A 221 -5.10 11.39 19.94
N CYS A 222 -4.77 10.11 20.20
CA CYS A 222 -5.48 8.92 19.62
C CYS A 222 -5.10 8.53 18.18
N ASP A 223 -4.24 9.27 17.50
CA ASP A 223 -3.87 8.97 16.10
C ASP A 223 -2.44 9.44 15.87
N LEU A 224 -1.55 9.13 16.80
CA LEU A 224 -0.18 9.68 16.71
C LEU A 224 0.69 8.90 15.73
N ARG A 225 1.50 9.64 15.00
CA ARG A 225 2.48 9.07 14.08
C ARG A 225 3.58 10.12 14.05
N PHE A 226 4.76 9.78 13.58
CA PHE A 226 5.90 10.72 13.56
C PHE A 226 5.52 11.99 12.81
N ASP A 227 4.55 11.89 11.91
CA ASP A 227 4.19 13.04 11.06
C ASP A 227 3.24 14.00 11.81
N GLN A 228 2.79 13.63 12.99
CA GLN A 228 1.94 14.55 13.81
C GLN A 228 2.89 15.38 14.70
N PHE A 229 4.18 15.12 14.60
CA PHE A 229 5.21 15.90 15.34
C PHE A 229 5.93 16.80 14.34
N ILE A 230 6.03 18.09 14.63
CA ILE A 230 6.62 19.09 13.75
C ILE A 230 7.73 19.82 14.52
N ARG A 231 8.93 19.98 13.95
CA ARG A 231 9.87 20.98 14.45
C ARG A 231 9.83 22.22 13.57
N ALA A 232 9.93 23.38 14.19
CA ALA A 232 10.11 24.61 13.46
C ALA A 232 11.56 24.75 12.98
N ASP A 233 11.85 25.83 12.24
CA ASP A 233 13.21 26.26 11.88
C ASP A 233 13.97 25.13 11.21
N GLU A 234 13.28 24.44 10.29
CA GLU A 234 13.81 23.48 9.35
C GLU A 234 14.51 22.31 10.06
N GLY A 235 14.10 22.01 11.30
CA GLY A 235 14.56 20.81 11.99
C GLY A 235 15.29 21.16 13.28
N ALA A 236 15.65 22.45 13.43
CA ALA A 236 16.40 23.00 14.55
C ALA A 236 15.50 23.64 15.61
N GLY A 237 14.24 23.91 15.25
CA GLY A 237 13.30 24.63 16.15
C GLY A 237 12.56 23.78 17.14
N GLU A 238 11.56 24.36 17.81
CA GLU A 238 10.83 23.67 18.90
C GLU A 238 9.87 22.61 18.36
N LEU A 239 9.32 21.79 19.24
CA LEU A 239 8.46 20.66 18.83
C LEU A 239 6.98 21.02 18.93
N TYR A 240 6.23 20.68 17.89
CA TYR A 240 4.78 20.93 17.92
C TYR A 240 4.04 19.61 17.69
N LEU A 241 2.94 19.41 18.41
CA LEU A 241 2.07 18.23 18.18
C LEU A 241 0.84 18.72 17.43
N VAL A 242 0.46 18.08 16.31
CA VAL A 242 -0.67 18.64 15.51
C VAL A 242 -1.69 17.55 15.15
N ASP A 243 -2.75 17.93 14.41
CA ASP A 243 -3.79 16.96 13.96
C ASP A 243 -4.53 16.38 15.15
N TRP A 244 -5.47 17.14 15.72
CA TRP A 244 -6.25 16.67 16.89
C TRP A 244 -7.69 16.32 16.47
N GLU A 245 -7.85 15.78 15.26
CA GLU A 245 -9.20 15.38 14.78
C GLU A 245 -9.70 14.10 15.45
N GLU A 246 -8.86 13.48 16.27
CA GLU A 246 -9.24 12.23 16.97
C GLU A 246 -9.09 12.45 18.47
N PHE A 247 -8.92 13.69 18.91
CA PHE A 247 -8.70 14.00 20.31
C PHE A 247 -9.92 13.60 21.13
N ARG A 248 -9.69 12.83 22.20
CA ARG A 248 -10.78 12.30 23.01
C ARG A 248 -10.32 12.20 24.45
N LEU A 249 -11.26 11.96 25.36
CA LEU A 249 -10.89 11.39 26.64
C LEU A 249 -10.80 9.88 26.42
N ALA A 250 -9.59 9.31 26.60
CA ALA A 250 -9.27 7.99 26.07
C ALA A 250 -8.17 7.37 26.90
N ASP A 251 -7.85 6.13 26.56
CA ASP A 251 -6.78 5.38 27.18
C ASP A 251 -5.43 5.98 26.78
N PRO A 252 -4.62 6.46 27.77
CA PRO A 252 -3.32 7.07 27.48
C PRO A 252 -2.34 6.11 26.81
N ALA A 253 -2.63 4.81 26.91
CA ALA A 253 -1.85 3.80 26.22
C ALA A 253 -1.92 3.97 24.69
N ARG A 254 -3.02 4.51 24.18
CA ARG A 254 -3.12 4.71 22.74
C ARG A 254 -1.93 5.52 22.24
N ASP A 255 -1.51 6.54 22.99
CA ASP A 255 -0.53 7.49 22.47
C ASP A 255 0.88 6.96 22.71
N VAL A 256 1.04 6.32 23.86
CA VAL A 256 2.29 5.74 24.25
C VAL A 256 2.61 4.62 23.26
N GLY A 257 1.66 3.69 23.10
CA GLY A 257 1.78 2.60 22.15
C GLY A 257 2.00 3.08 20.72
N ALA A 258 1.29 4.14 20.33
CA ALA A 258 1.42 4.72 19.00
C ALA A 258 2.86 5.17 18.75
N PHE A 259 3.48 5.80 19.75
CA PHE A 259 4.83 6.32 19.60
C PHE A 259 5.84 5.17 19.55
N ALA A 260 5.67 4.17 20.42
CA ALA A 260 6.50 2.99 20.37
C ALA A 260 6.29 2.25 19.05
N GLY A 261 5.03 2.20 18.59
CA GLY A 261 4.65 1.49 17.37
C GLY A 261 5.32 2.07 16.12
N GLU A 262 5.55 3.39 16.14
CA GLU A 262 6.17 4.08 15.02
C GLU A 262 7.64 3.71 14.92
N TRP A 263 8.30 3.57 16.08
CA TRP A 263 9.68 3.14 16.14
C TRP A 263 9.84 1.65 15.74
N LEU A 264 8.91 0.81 16.20
CA LEU A 264 8.76 -0.56 15.78
C LEU A 264 8.65 -0.68 14.26
N PHE A 265 7.78 0.12 13.66
CA PHE A 265 7.52 0.04 12.24
C PHE A 265 8.70 0.63 11.48
N HIS A 266 9.28 1.71 12.02
CA HIS A 266 10.43 2.32 11.37
C HIS A 266 11.61 1.34 11.32
N ALA A 267 11.88 0.70 12.47
CA ALA A 267 13.04 -0.15 12.68
C ALA A 267 12.92 -1.46 11.91
N THR A 268 11.70 -1.99 11.80
CA THR A 268 11.49 -3.31 11.22
C THR A 268 10.96 -3.22 9.78
N TYR A 269 10.66 -2.02 9.28
CA TYR A 269 10.10 -1.94 7.95
C TYR A 269 10.71 -0.76 7.22
N SER A 270 10.46 0.46 7.68
CA SER A 270 10.82 1.65 6.92
C SER A 270 12.29 1.64 6.47
N VAL A 271 13.22 1.26 7.35
CA VAL A 271 14.64 1.30 7.02
C VAL A 271 15.04 0.28 5.95
N PHE A 272 14.15 -0.66 5.61
CA PHE A 272 14.43 -1.71 4.64
C PHE A 272 13.67 -1.52 3.33
N ALA A 273 12.82 -0.48 3.26
CA ALA A 273 11.90 -0.32 2.15
C ALA A 273 11.86 1.15 1.75
N GLY A 290 15.24 -10.39 -2.00
CA GLY A 290 15.70 -11.79 -2.11
C GLY A 290 16.49 -12.24 -0.90
N LEU A 291 15.80 -12.61 0.17
CA LEU A 291 16.45 -13.03 1.43
C LEU A 291 15.58 -14.08 2.12
N THR A 292 16.15 -14.87 3.02
CA THR A 292 15.36 -15.84 3.80
C THR A 292 14.50 -15.06 4.80
N HIS A 293 13.41 -15.65 5.26
CA HIS A 293 12.54 -15.00 6.26
C HIS A 293 13.29 -14.87 7.58
N GLU A 294 14.12 -15.87 7.88
CA GLU A 294 14.84 -15.86 9.17
C GLU A 294 15.85 -14.72 9.15
N GLU A 295 16.36 -14.39 7.98
CA GLU A 295 17.33 -13.28 7.85
C GLU A 295 16.60 -11.96 8.05
N ILE A 296 15.41 -11.84 7.48
CA ILE A 296 14.64 -10.58 7.58
C ILE A 296 14.28 -10.34 9.04
N VAL A 297 13.96 -11.41 9.77
CA VAL A 297 13.58 -11.28 11.20
C VAL A 297 14.83 -10.91 12.00
N ALA A 298 15.97 -11.52 11.65
CA ALA A 298 17.20 -11.24 12.35
C ALA A 298 17.62 -9.79 12.14
N ARG A 299 17.61 -9.37 10.87
CA ARG A 299 17.99 -7.97 10.54
C ARG A 299 17.00 -7.03 11.20
N GLY A 300 15.73 -7.41 11.20
CA GLY A 300 14.69 -6.60 11.81
C GLY A 300 14.78 -6.54 13.34
N SER A 301 15.12 -7.66 13.98
CA SER A 301 15.27 -7.67 15.45
C SER A 301 16.44 -6.78 15.88
N ALA A 302 17.49 -6.75 15.08
CA ALA A 302 18.69 -5.97 15.43
C ALA A 302 18.44 -4.49 15.19
N SER A 303 17.65 -4.16 14.17
CA SER A 303 17.26 -2.74 13.94
C SER A 303 16.42 -2.25 15.12
N LEU A 304 15.48 -3.05 15.57
CA LEU A 304 14.64 -2.68 16.74
C LEU A 304 15.54 -2.41 17.94
N ARG A 305 16.40 -3.37 18.27
CA ARG A 305 17.27 -3.22 19.46
C ARG A 305 18.02 -1.89 19.37
N ARG A 306 18.51 -1.54 18.19
CA ARG A 306 19.29 -0.29 18.02
C ARG A 306 18.36 0.91 18.10
N HIS A 307 17.04 0.68 18.00
CA HIS A 307 16.08 1.78 18.05
C HIS A 307 15.36 1.88 19.40
N LEU A 308 15.48 0.84 20.26
CA LEU A 308 14.93 0.83 21.62
C LEU A 308 15.22 2.07 22.44
N PRO A 309 16.41 2.72 22.38
CA PRO A 309 16.65 3.92 23.19
C PRO A 309 15.70 5.06 22.80
N ARG A 310 15.19 5.04 21.57
CA ARG A 310 14.26 6.08 21.13
C ARG A 310 12.96 6.00 21.92
N ILE A 311 12.48 4.77 22.12
CA ILE A 311 11.28 4.46 22.88
C ILE A 311 11.53 4.74 24.38
N ALA A 312 12.74 4.41 24.85
CA ALA A 312 13.06 4.53 26.27
C ALA A 312 13.05 6.00 26.65
N ALA A 313 13.58 6.83 25.73
CA ALA A 313 13.69 8.27 25.92
C ALA A 313 12.30 8.92 25.98
N PHE A 314 11.45 8.60 25.01
CA PHE A 314 10.05 9.00 25.02
C PHE A 314 9.44 8.70 26.39
N TRP A 315 9.58 7.46 26.85
CA TRP A 315 8.97 7.04 28.11
C TRP A 315 9.56 7.78 29.30
N GLN A 316 10.83 8.11 29.26
CA GLN A 316 11.39 8.91 30.36
C GLN A 316 10.78 10.29 30.27
N GLY A 317 10.84 10.91 29.10
CA GLY A 317 10.13 12.18 28.90
C GLY A 317 8.70 12.13 29.45
N TYR A 318 8.01 11.04 29.13
CA TYR A 318 6.59 10.90 29.43
C TYR A 318 6.40 10.97 30.93
N LEU A 319 7.23 10.21 31.66
CA LEU A 319 7.15 10.05 33.10
C LEU A 319 7.64 11.30 33.83
N GLU A 320 8.61 12.04 33.25
CA GLU A 320 9.00 13.34 33.80
C GLU A 320 7.73 14.18 33.97
N CYS A 321 6.93 14.29 32.91
CA CYS A 321 5.75 15.15 32.97
C CYS A 321 4.50 14.45 33.46
N ARG A 322 4.49 13.13 33.56
CA ARG A 322 3.32 12.42 34.16
C ARG A 322 3.84 11.35 35.12
N PRO A 323 4.40 11.75 36.27
CA PRO A 323 5.01 10.80 37.19
C PRO A 323 4.05 9.84 37.89
N GLN A 324 2.75 10.06 37.76
CA GLN A 324 1.76 9.24 38.50
C GLN A 324 1.08 8.23 37.57
N ALA A 325 1.55 8.12 36.33
CA ALA A 325 0.88 7.26 35.34
C ALA A 325 0.71 5.82 35.83
N LEU A 326 1.77 5.23 36.37
CA LEU A 326 1.70 3.79 36.74
C LEU A 326 1.08 3.63 38.12
N ALA A 327 1.15 4.66 38.96
CA ALA A 327 0.47 4.60 40.27
C ALA A 327 -1.02 4.48 40.01
N LEU A 328 -1.47 5.08 38.91
CA LEU A 328 -2.91 5.05 38.58
C LEU A 328 -3.18 3.86 37.65
N ASP A 329 -2.25 3.52 36.76
CA ASP A 329 -2.43 2.42 35.78
C ASP A 329 -1.19 1.55 35.74
N ALA A 330 -1.21 0.43 36.43
CA ALA A 330 -0.07 -0.49 36.44
C ALA A 330 0.03 -1.17 35.08
N GLY A 331 -1.11 -1.38 34.44
CA GLY A 331 -1.14 -2.05 33.13
C GLY A 331 -0.99 -1.07 32.00
N LEU A 332 -0.56 0.14 32.30
CA LEU A 332 -0.37 1.04 31.16
C LEU A 332 0.72 0.53 30.22
N PRO A 333 1.91 0.11 30.71
CA PRO A 333 2.96 -0.38 29.82
C PRO A 333 2.48 -1.50 28.89
N GLU A 334 1.72 -2.41 29.47
CA GLU A 334 1.23 -3.59 28.75
C GLU A 334 0.22 -3.17 27.67
N ARG A 335 -0.70 -2.26 27.98
CA ARG A 335 -1.70 -1.87 27.00
C ARG A 335 -1.07 -1.04 25.87
N ALA A 336 -0.04 -0.30 26.24
CA ALA A 336 0.68 0.50 25.28
C ALA A 336 1.45 -0.41 24.34
N ALA A 337 2.02 -1.49 24.89
CA ALA A 337 2.73 -2.46 24.06
C ALA A 337 1.77 -3.07 23.04
N ALA A 338 0.56 -3.44 23.51
CA ALA A 338 -0.45 -4.02 22.65
C ALA A 338 -0.88 -3.03 21.56
N TYR A 339 -0.99 -1.73 21.90
CA TYR A 339 -1.31 -0.69 20.92
C TYR A 339 -0.18 -0.53 19.91
N ALA A 340 1.07 -0.62 20.36
CA ALA A 340 2.21 -0.56 19.44
C ALA A 340 2.17 -1.73 18.46
N GLY A 341 1.71 -2.90 18.96
CA GLY A 341 1.56 -4.09 18.16
C GLY A 341 0.52 -3.87 17.08
N TRP A 342 -0.71 -3.45 17.45
CA TRP A 342 -1.69 -3.03 16.46
C TRP A 342 -1.12 -1.95 15.56
N HIS A 343 -0.47 -0.90 16.11
CA HIS A 343 0.02 0.20 15.31
C HIS A 343 0.86 -0.33 14.14
N MET A 344 1.56 -1.43 14.36
CA MET A 344 2.37 -2.05 13.32
C MET A 344 1.49 -2.48 12.15
N TYR A 345 0.41 -3.20 12.45
CA TYR A 345 -0.50 -3.61 11.41
C TYR A 345 -1.05 -2.39 10.70
N ASP A 346 -1.53 -1.44 11.47
CA ASP A 346 -2.13 -0.27 10.91
C ASP A 346 -1.21 0.37 9.89
N ARG A 347 0.08 0.52 10.25
CA ARG A 347 1.06 1.16 9.38
C ARG A 347 1.44 0.28 8.21
N LEU A 348 1.45 -1.06 8.38
CA LEU A 348 1.74 -1.96 7.25
C LEU A 348 0.58 -1.92 6.26
N ILE A 349 -0.65 -2.04 6.77
CA ILE A 349 -1.83 -1.96 5.92
C ILE A 349 -1.84 -0.61 5.16
N ALA A 350 -1.48 0.50 5.79
CA ALA A 350 -1.53 1.77 5.10
C ALA A 350 -0.52 1.81 3.97
N THR A 351 0.71 1.34 4.21
CA THR A 351 1.79 1.43 3.23
C THR A 351 1.49 0.49 2.07
N ALA A 352 0.80 -0.61 2.35
CA ALA A 352 0.36 -1.56 1.34
C ALA A 352 -0.55 -0.91 0.29
N GLU A 353 -0.98 0.34 0.53
CA GLU A 353 -1.85 1.08 -0.37
C GLU A 353 -1.29 1.05 -1.79
N SER A 354 0.01 1.23 -1.93
CA SER A 354 0.59 1.34 -3.26
C SER A 354 1.26 0.04 -3.69
N HIS A 355 0.88 -1.10 -3.08
CA HIS A 355 1.40 -2.42 -3.43
C HIS A 355 0.29 -3.38 -3.88
N ALA A 356 0.71 -4.37 -4.68
CA ALA A 356 -0.18 -5.40 -5.19
C ALA A 356 0.02 -6.66 -4.36
N THR A 357 1.24 -6.90 -3.91
CA THR A 357 1.49 -8.01 -2.99
C THR A 357 2.08 -7.46 -1.68
N LEU A 358 2.00 -8.31 -0.66
CA LEU A 358 2.70 -8.13 0.60
C LEU A 358 4.08 -8.76 0.51
N ASN A 359 5.13 -7.92 0.48
CA ASN A 359 6.50 -8.37 0.34
C ASN A 359 6.90 -9.08 1.64
N PRO A 360 8.00 -9.85 1.65
CA PRO A 360 8.44 -10.57 2.85
C PRO A 360 8.84 -9.74 4.08
N VAL A 361 9.23 -8.47 3.87
CA VAL A 361 9.58 -7.54 4.94
C VAL A 361 8.31 -7.17 5.70
N ALA A 362 7.23 -6.92 4.95
CA ALA A 362 5.95 -6.57 5.53
C ALA A 362 5.38 -7.79 6.26
N ARG A 363 5.52 -8.97 5.65
CA ARG A 363 5.06 -10.21 6.27
C ARG A 363 5.79 -10.42 7.60
N ALA A 364 7.11 -10.23 7.58
CA ALA A 364 7.93 -10.37 8.78
C ALA A 364 7.57 -9.33 9.83
N ALA A 365 7.49 -8.05 9.42
CA ALA A 365 7.18 -6.94 10.31
C ALA A 365 5.84 -7.22 11.01
N ALA A 366 4.86 -7.66 10.22
CA ALA A 366 3.58 -8.06 10.77
C ALA A 366 3.79 -9.06 11.90
N GLY A 367 4.66 -10.06 11.64
CA GLY A 367 4.87 -11.13 12.61
C GLY A 367 5.44 -10.60 13.92
N ILE A 368 6.16 -9.48 13.84
CA ILE A 368 6.72 -8.83 15.07
C ILE A 368 5.58 -8.19 15.86
N GLY A 369 4.60 -7.61 15.17
CA GLY A 369 3.45 -6.98 15.85
C GLY A 369 2.57 -8.00 16.51
N ARG A 370 2.35 -9.15 15.88
CA ARG A 370 1.56 -10.23 16.50
C ARG A 370 2.25 -10.64 17.79
N THR A 371 3.57 -10.69 17.78
CA THR A 371 4.36 -11.06 18.97
C THR A 371 4.16 -10.02 20.06
N VAL A 372 4.18 -8.74 19.69
CA VAL A 372 4.05 -7.63 20.67
C VAL A 372 2.62 -7.58 21.18
N LEU A 373 1.64 -7.75 20.31
CA LEU A 373 0.21 -7.67 20.70
C LEU A 373 -0.17 -8.87 21.54
N LEU A 374 0.34 -10.06 21.20
CA LEU A 374 -0.02 -11.30 21.94
C LEU A 374 0.89 -11.40 23.17
N GLY A 375 2.00 -10.66 23.19
CA GLY A 375 2.91 -10.67 24.35
C GLY A 375 3.25 -9.25 24.78
N PRO A 376 2.26 -8.39 25.11
CA PRO A 376 2.52 -7.00 25.47
C PRO A 376 3.42 -6.91 26.72
N SER A 377 3.08 -7.67 27.76
CA SER A 377 3.88 -7.64 29.02
C SER A 377 5.36 -7.74 28.68
N ALA A 378 5.78 -8.85 28.06
CA ALA A 378 7.20 -9.02 27.66
C ALA A 378 7.63 -7.92 26.68
N ALA A 379 6.75 -7.53 25.78
CA ALA A 379 7.10 -6.47 24.79
C ALA A 379 7.33 -5.19 25.55
N ALA A 380 6.51 -4.94 26.57
CA ALA A 380 6.68 -3.73 27.40
C ALA A 380 8.06 -3.70 28.01
N ARG A 381 8.54 -4.84 28.49
CA ARG A 381 9.90 -4.90 29.05
C ARG A 381 10.92 -4.76 27.92
N THR A 382 10.82 -5.58 26.89
CA THR A 382 11.74 -5.39 25.76
C THR A 382 11.78 -3.93 25.32
N LEU A 383 10.62 -3.28 25.19
CA LEU A 383 10.55 -1.91 24.63
C LEU A 383 10.98 -0.83 25.63
N GLY A 384 11.05 -1.16 26.92
CA GLY A 384 11.53 -0.19 27.91
C GLY A 384 10.42 0.70 28.40
N LEU A 385 9.22 0.16 28.49
CA LEU A 385 8.06 0.92 28.98
C LEU A 385 7.70 0.36 30.34
N SER A 386 8.68 -0.19 31.06
CA SER A 386 8.36 -0.90 32.33
C SER A 386 8.39 0.02 33.55
N ALA B 15 28.73 -18.88 -35.43
CA ALA B 15 28.43 -17.61 -36.15
C ALA B 15 27.01 -17.17 -35.82
N SER B 16 26.00 -17.96 -36.20
CA SER B 16 24.59 -17.66 -35.99
C SER B 16 24.28 -17.38 -34.50
N PRO B 17 23.30 -16.46 -34.18
CA PRO B 17 22.87 -16.21 -32.80
C PRO B 17 22.24 -17.43 -32.14
N VAL B 18 21.62 -18.31 -32.99
CA VAL B 18 20.96 -19.54 -32.61
C VAL B 18 21.94 -20.73 -32.59
N ALA B 19 23.04 -20.62 -33.36
CA ALA B 19 24.09 -21.62 -33.34
C ALA B 19 24.78 -21.64 -31.98
N ARG B 20 25.02 -20.43 -31.45
CA ARG B 20 25.77 -20.23 -30.22
C ARG B 20 24.85 -20.40 -29.01
N HIS B 21 23.55 -20.18 -29.24
CA HIS B 21 22.57 -20.25 -28.17
C HIS B 21 21.52 -21.31 -28.49
N ARG B 22 21.95 -22.57 -28.48
CA ARG B 22 21.10 -23.68 -28.90
CA ARG B 22 21.10 -23.68 -28.89
C ARG B 22 20.21 -24.10 -27.72
N GLY B 23 18.96 -24.44 -28.06
CA GLY B 23 17.97 -24.92 -27.11
C GLY B 23 17.17 -23.79 -26.52
N LEU B 24 17.38 -22.58 -27.04
CA LEU B 24 16.69 -21.38 -26.54
C LEU B 24 15.97 -20.72 -27.70
N ALA B 25 14.83 -20.12 -27.42
CA ALA B 25 14.09 -19.37 -28.45
C ALA B 25 15.04 -18.37 -29.11
N PRO B 26 15.00 -18.25 -30.45
CA PRO B 26 15.85 -17.31 -31.16
C PRO B 26 15.76 -15.87 -30.66
N ARG B 27 14.58 -15.44 -30.25
CA ARG B 27 14.42 -14.03 -29.83
C ARG B 27 15.16 -13.82 -28.51
N LEU B 28 15.26 -14.85 -27.68
CA LEU B 28 16.04 -14.77 -26.42
C LEU B 28 17.50 -15.04 -26.74
N ALA B 29 17.78 -15.88 -27.74
CA ALA B 29 19.18 -16.01 -28.13
C ALA B 29 19.75 -14.66 -28.58
N GLU B 30 19.00 -13.96 -29.44
CA GLU B 30 19.43 -12.70 -30.03
C GLU B 30 19.64 -11.69 -28.89
N ALA B 31 18.69 -11.61 -27.95
CA ALA B 31 18.74 -10.60 -26.90
C ALA B 31 19.90 -10.85 -25.91
N LEU B 32 20.32 -12.05 -25.74
CA LEU B 32 21.43 -12.41 -24.83
C LEU B 32 22.78 -11.99 -25.42
N ASP B 33 22.85 -11.78 -26.76
CA ASP B 33 24.07 -11.20 -27.33
C ASP B 33 24.32 -9.81 -26.75
N ALA B 34 23.28 -9.14 -26.24
CA ALA B 34 23.43 -7.80 -25.67
C ALA B 34 23.78 -7.87 -24.18
N VAL B 35 24.08 -9.10 -23.67
CA VAL B 35 24.18 -9.38 -22.25
C VAL B 35 25.47 -10.15 -22.01
N SER B 36 26.25 -9.71 -21.01
CA SER B 36 27.40 -10.46 -20.54
C SER B 36 27.50 -10.32 -19.03
N VAL B 37 27.97 -11.36 -18.36
CA VAL B 37 28.27 -11.31 -16.94
C VAL B 37 29.75 -11.59 -16.78
N ALA B 38 30.44 -10.80 -15.96
CA ALA B 38 31.86 -10.98 -15.72
C ALA B 38 32.04 -12.30 -14.99
N PRO B 39 33.17 -13.02 -15.15
CA PRO B 39 33.45 -14.17 -14.26
C PRO B 39 33.45 -13.74 -12.80
N GLY B 40 33.01 -14.62 -11.92
CA GLY B 40 32.81 -14.24 -10.53
C GLY B 40 31.42 -13.66 -10.26
N ALA B 41 30.78 -13.05 -11.27
CA ALA B 41 29.41 -12.55 -11.16
C ALA B 41 29.29 -11.40 -10.16
N ARG B 42 30.19 -10.42 -10.29
CA ARG B 42 30.12 -9.18 -9.52
C ARG B 42 30.01 -7.99 -10.46
N ARG B 43 30.02 -8.26 -11.77
CA ARG B 43 29.73 -7.27 -12.79
C ARG B 43 28.87 -7.93 -13.88
N ALA B 44 27.99 -7.15 -14.47
CA ALA B 44 27.23 -7.56 -15.63
C ALA B 44 27.01 -6.34 -16.53
N SER B 45 26.71 -6.61 -17.81
CA SER B 45 26.33 -5.54 -18.75
C SER B 45 25.11 -5.97 -19.57
N VAL B 46 24.06 -5.16 -19.59
CA VAL B 46 22.84 -5.46 -20.40
C VAL B 46 22.61 -4.27 -21.34
N ALA B 47 22.83 -4.44 -22.64
CA ALA B 47 22.74 -3.35 -23.62
C ALA B 47 23.61 -2.18 -23.18
N GLY B 48 24.82 -2.48 -22.68
CA GLY B 48 25.74 -1.45 -22.19
C GLY B 48 25.20 -0.60 -21.01
N ARG B 49 24.10 -1.04 -20.39
CA ARG B 49 23.78 -0.69 -19.01
C ARG B 49 24.65 -1.57 -18.11
N THR B 50 25.62 -0.95 -17.43
CA THR B 50 26.54 -1.66 -16.55
C THR B 50 25.93 -1.74 -15.17
N VAL B 51 26.18 -2.95 -14.55
CA VAL B 51 25.62 -3.25 -13.21
C VAL B 51 26.71 -3.96 -12.42
N THR B 52 26.97 -3.47 -11.17
CA THR B 52 28.02 -4.09 -10.36
C THR B 52 27.40 -4.46 -9.01
N ALA B 53 28.08 -5.31 -8.25
CA ALA B 53 27.68 -5.62 -6.88
C ALA B 53 28.83 -6.25 -6.13
N ASP B 54 28.66 -6.37 -4.80
CA ASP B 54 29.70 -6.85 -3.91
C ASP B 54 29.68 -8.36 -3.76
N SER B 55 28.59 -9.01 -4.20
CA SER B 55 28.51 -10.47 -4.25
C SER B 55 27.71 -10.94 -5.45
N PRO B 56 27.82 -12.23 -5.85
CA PRO B 56 26.92 -12.81 -6.84
C PRO B 56 25.42 -12.61 -6.55
N ARG B 57 25.07 -12.77 -5.28
CA ARG B 57 23.69 -12.70 -4.83
C ARG B 57 23.14 -11.29 -5.03
N ASP B 58 23.95 -10.27 -4.75
CA ASP B 58 23.49 -8.90 -4.95
C ASP B 58 23.37 -8.64 -6.44
N LEU B 59 24.31 -9.13 -7.25
CA LEU B 59 24.15 -9.05 -8.70
C LEU B 59 22.88 -9.75 -9.20
N ARG B 60 22.41 -10.79 -8.61
CA ARG B 60 21.25 -11.55 -9.13
C ARG B 60 20.04 -10.62 -9.23
N GLY B 61 19.85 -9.78 -8.18
CA GLY B 61 18.70 -8.87 -8.21
C GLY B 61 18.96 -7.61 -9.03
N ARG B 62 20.19 -7.12 -9.06
CA ARG B 62 20.51 -5.98 -9.92
C ARG B 62 20.47 -6.41 -11.40
N LEU B 63 20.95 -7.63 -11.69
CA LEU B 63 20.85 -8.20 -13.02
C LEU B 63 19.38 -8.49 -13.37
N THR B 64 18.66 -9.12 -12.46
CA THR B 64 17.22 -9.39 -12.70
C THR B 64 16.50 -8.10 -13.09
N ASN B 65 16.81 -7.00 -12.42
CA ASN B 65 16.10 -5.73 -12.66
C ASN B 65 16.46 -5.16 -14.04
N ALA B 66 17.71 -5.24 -14.43
CA ALA B 66 18.16 -4.70 -15.72
C ALA B 66 17.56 -5.51 -16.87
N LEU B 67 17.59 -6.84 -16.76
CA LEU B 67 17.04 -7.71 -17.80
C LEU B 67 15.55 -7.39 -17.92
N TYR B 68 14.92 -7.14 -16.77
CA TYR B 68 13.52 -6.76 -16.80
C TYR B 68 13.33 -5.45 -17.56
N GLU B 69 14.07 -4.41 -17.17
CA GLU B 69 13.86 -3.11 -17.76
C GLU B 69 14.24 -3.16 -19.24
N GLU B 70 15.41 -3.72 -19.54
CA GLU B 70 15.94 -3.67 -20.88
C GLU B 70 15.17 -4.61 -21.82
N LEU B 71 14.83 -5.84 -21.38
CA LEU B 71 14.30 -6.88 -22.25
C LEU B 71 12.78 -6.96 -22.19
N HIS B 72 12.22 -6.73 -21.01
CA HIS B 72 10.78 -6.85 -20.86
C HIS B 72 10.08 -5.51 -21.05
N ALA B 73 10.53 -4.48 -20.34
CA ALA B 73 9.81 -3.20 -20.37
C ALA B 73 10.24 -2.33 -21.55
N GLY B 74 11.50 -2.42 -21.96
CA GLY B 74 11.99 -1.59 -23.05
C GLY B 74 12.51 -0.26 -22.58
N ARG B 75 12.67 -0.10 -21.27
CA ARG B 75 13.29 1.13 -20.75
C ARG B 75 14.81 0.92 -20.84
N HIS B 76 15.43 1.67 -21.78
CA HIS B 76 16.89 1.48 -22.01
C HIS B 76 17.66 2.59 -21.30
N ARG B 77 18.85 2.25 -20.74
CA ARG B 77 19.59 3.30 -19.99
C ARG B 77 21.10 3.09 -20.10
N GLY B 78 21.55 2.32 -21.08
CA GLY B 78 22.99 2.01 -21.19
C GLY B 78 23.74 2.93 -22.15
N GLY B 79 23.14 4.05 -22.55
CA GLY B 79 23.80 4.94 -23.52
C GLY B 79 24.24 6.27 -22.90
N ALA B 80 24.21 7.33 -23.73
CA ALA B 80 24.45 8.68 -23.27
C ALA B 80 23.17 9.29 -22.68
N VAL B 81 22.00 8.69 -22.96
CA VAL B 81 20.73 9.20 -22.42
C VAL B 81 20.26 8.27 -21.30
N THR B 90 2.19 6.59 -10.82
CA THR B 90 1.95 7.13 -9.45
C THR B 90 0.44 7.40 -9.31
N LEU B 91 -0.01 8.62 -9.63
CA LEU B 91 -1.32 9.11 -9.20
C LEU B 91 -2.43 8.69 -10.17
N ARG B 92 -3.61 8.36 -9.61
CA ARG B 92 -4.84 8.11 -10.36
C ARG B 92 -5.38 9.41 -10.94
N ASP B 93 -5.75 9.40 -12.22
CA ASP B 93 -6.23 10.58 -12.90
C ASP B 93 -7.73 10.42 -13.14
N PRO B 94 -8.59 11.26 -12.52
CA PRO B 94 -10.05 11.03 -12.55
C PRO B 94 -10.68 11.19 -13.94
N ALA B 95 -10.05 12.03 -14.77
CA ALA B 95 -10.53 12.27 -16.11
C ALA B 95 -10.31 11.02 -16.95
N LEU B 96 -9.13 10.40 -16.76
CA LEU B 96 -8.82 9.16 -17.43
C LEU B 96 -9.62 8.01 -16.81
N GLU B 97 -9.70 7.92 -15.48
CA GLU B 97 -10.50 6.88 -14.83
C GLU B 97 -11.94 6.93 -15.34
N ALA B 98 -12.42 8.11 -15.67
CA ALA B 98 -13.80 8.25 -16.15
C ALA B 98 -13.89 7.70 -17.58
N ARG B 99 -12.92 8.04 -18.40
CA ARG B 99 -12.94 7.58 -19.81
C ARG B 99 -12.79 6.06 -19.82
N LEU B 100 -11.89 5.54 -18.99
CA LEU B 100 -11.64 4.07 -18.93
C LEU B 100 -12.86 3.38 -18.33
N ALA B 101 -13.49 3.97 -17.31
CA ALA B 101 -14.66 3.36 -16.68
C ALA B 101 -15.89 3.46 -17.59
N ALA B 102 -16.01 4.55 -18.35
CA ALA B 102 -17.09 4.67 -19.34
C ALA B 102 -17.01 3.58 -20.41
N ALA B 103 -15.78 3.15 -20.79
CA ALA B 103 -15.60 2.21 -21.89
C ALA B 103 -15.89 0.76 -21.49
N VAL B 104 -16.28 0.51 -20.24
CA VAL B 104 -16.55 -0.86 -19.81
C VAL B 104 -17.99 -1.21 -20.17
N PRO B 105 -18.26 -2.21 -21.05
CA PRO B 105 -19.63 -2.59 -21.42
C PRO B 105 -20.54 -3.06 -20.31
N HIS B 106 -19.99 -3.81 -19.35
CA HIS B 106 -20.76 -4.35 -18.24
C HIS B 106 -20.58 -3.44 -17.01
N ARG B 107 -21.17 -3.86 -15.88
CA ARG B 107 -21.06 -3.11 -14.63
C ARG B 107 -20.89 -4.04 -13.41
N THR B 108 -21.19 -5.33 -13.57
CA THR B 108 -21.43 -6.23 -12.46
C THR B 108 -20.81 -7.58 -12.78
N THR B 109 -20.24 -8.20 -11.73
CA THR B 109 -19.66 -9.52 -11.76
C THR B 109 -20.27 -10.32 -10.61
N PRO B 110 -21.04 -11.38 -10.89
CA PRO B 110 -21.57 -12.22 -9.82
C PRO B 110 -20.40 -12.88 -9.12
N THR B 111 -20.37 -12.73 -7.79
CA THR B 111 -19.27 -13.26 -7.00
C THR B 111 -19.82 -14.12 -5.88
N ARG B 112 -19.29 -15.35 -5.80
CA ARG B 112 -19.69 -16.32 -4.80
C ARG B 112 -18.82 -16.13 -3.55
N GLY B 113 -19.45 -16.14 -2.37
CA GLY B 113 -18.79 -16.41 -1.11
C GLY B 113 -19.68 -17.26 -0.19
N ARG B 114 -19.20 -17.53 1.04
CA ARG B 114 -19.97 -18.19 2.07
C ARG B 114 -20.57 -17.13 2.99
N LEU B 115 -21.87 -17.26 3.29
CA LEU B 115 -22.52 -16.33 4.20
C LEU B 115 -22.06 -16.67 5.61
N VAL B 116 -21.70 -15.62 6.35
CA VAL B 116 -21.28 -15.75 7.72
C VAL B 116 -22.45 -15.36 8.60
N GLU B 117 -23.09 -14.24 8.25
CA GLU B 117 -24.12 -13.70 9.11
C GLU B 117 -24.99 -12.73 8.34
N VAL B 118 -26.28 -12.68 8.71
CA VAL B 118 -27.20 -11.69 8.09
C VAL B 118 -27.40 -10.58 9.11
N LEU B 119 -27.02 -9.38 8.75
CA LEU B 119 -27.11 -8.25 9.71
C LEU B 119 -28.46 -7.59 9.50
N ARG B 120 -29.34 -7.75 10.47
CA ARG B 120 -30.71 -7.20 10.34
C ARG B 120 -30.68 -5.77 10.86
N ARG B 121 -30.44 -4.84 9.96
CA ARG B 121 -30.46 -3.41 10.31
C ARG B 121 -31.70 -2.87 9.62
N PRO B 122 -32.47 -1.96 10.23
CA PRO B 122 -33.73 -1.49 9.65
C PRO B 122 -33.45 -0.59 8.46
N ASP B 123 -32.28 0.05 8.46
CA ASP B 123 -31.94 1.02 7.40
C ASP B 123 -31.44 0.24 6.18
N GLY B 124 -31.38 -1.09 6.29
CA GLY B 124 -30.85 -1.91 5.20
C GLY B 124 -30.12 -3.12 5.73
N ASP B 125 -30.65 -4.29 5.44
CA ASP B 125 -30.00 -5.54 5.89
C ASP B 125 -28.66 -5.67 5.17
N GLN B 126 -27.70 -6.27 5.83
CA GLN B 126 -26.36 -6.43 5.24
C GLN B 126 -25.92 -7.87 5.42
N LEU B 127 -25.09 -8.34 4.50
CA LEU B 127 -24.59 -9.72 4.56
C LEU B 127 -23.07 -9.72 4.76
N VAL B 128 -22.60 -10.32 5.84
CA VAL B 128 -21.17 -10.49 6.13
C VAL B 128 -20.87 -11.78 5.38
N VAL B 129 -20.06 -11.68 4.34
CA VAL B 129 -19.79 -12.85 3.45
C VAL B 129 -18.29 -13.05 3.36
N ARG B 130 -17.85 -14.30 3.51
CA ARG B 130 -16.42 -14.60 3.32
C ARG B 130 -16.15 -14.76 1.84
N LEU B 131 -15.67 -13.70 1.20
CA LEU B 131 -15.26 -13.76 -0.18
C LEU B 131 -13.93 -14.49 -0.17
N PRO B 132 -13.43 -14.96 -1.33
CA PRO B 132 -12.12 -15.59 -1.38
C PRO B 132 -11.00 -14.73 -0.80
N GLU B 133 -11.04 -13.42 -1.03
CA GLU B 133 -9.91 -12.54 -0.65
C GLU B 133 -10.15 -11.78 0.66
N VAL B 134 -11.38 -11.78 1.15
CA VAL B 134 -11.69 -10.99 2.37
C VAL B 134 -13.11 -11.23 2.83
N THR B 135 -13.34 -11.17 4.12
CA THR B 135 -14.70 -11.14 4.62
C THR B 135 -15.20 -9.70 4.48
N ALA B 136 -16.33 -9.53 3.83
CA ALA B 136 -16.87 -8.22 3.49
C ALA B 136 -18.33 -8.11 3.97
N ARG B 137 -18.72 -6.87 4.22
CA ARG B 137 -20.07 -6.54 4.62
C ARG B 137 -20.71 -5.94 3.38
N VAL B 138 -21.70 -6.64 2.83
CA VAL B 138 -22.30 -6.26 1.56
C VAL B 138 -23.79 -5.98 1.78
N PRO B 139 -24.37 -4.91 1.19
CA PRO B 139 -25.82 -4.73 1.19
C PRO B 139 -26.56 -5.97 0.73
N ALA B 140 -27.64 -6.33 1.44
CA ALA B 140 -28.45 -7.50 1.08
C ALA B 140 -29.03 -7.41 -0.34
N ASP B 141 -29.24 -6.20 -0.88
CA ASP B 141 -29.82 -5.97 -2.20
C ASP B 141 -28.90 -6.44 -3.34
N ARG B 142 -27.76 -7.01 -2.99
CA ARG B 142 -26.80 -7.44 -4.03
C ARG B 142 -26.87 -8.96 -4.14
N LEU B 143 -27.66 -9.59 -3.27
CA LEU B 143 -27.81 -11.07 -3.33
C LEU B 143 -28.51 -11.46 -4.64
N LEU B 144 -27.99 -12.49 -5.29
CA LEU B 144 -28.56 -13.01 -6.54
C LEU B 144 -29.06 -14.41 -6.25
N SER B 145 -28.18 -15.26 -5.73
CA SER B 145 -28.50 -16.67 -5.45
C SER B 145 -27.96 -17.05 -4.08
N PRO B 146 -28.79 -17.59 -3.16
CA PRO B 146 -30.22 -17.76 -3.42
C PRO B 146 -30.91 -16.40 -3.48
N SER B 147 -32.24 -16.41 -3.55
CA SER B 147 -33.00 -15.15 -3.77
C SER B 147 -33.43 -14.57 -2.42
N VAL B 148 -33.31 -15.38 -1.36
CA VAL B 148 -33.51 -14.90 0.03
C VAL B 148 -32.31 -15.36 0.88
N PRO B 149 -31.79 -14.51 1.79
CA PRO B 149 -30.55 -14.83 2.49
C PRO B 149 -30.58 -16.21 3.14
N PRO B 150 -29.64 -17.11 2.79
CA PRO B 150 -29.65 -18.49 3.26
C PRO B 150 -29.35 -18.62 4.75
N ALA B 151 -29.20 -19.86 5.25
CA ALA B 151 -28.58 -20.10 6.54
C ALA B 151 -27.14 -19.64 6.49
N PRO B 152 -26.59 -19.15 7.63
CA PRO B 152 -25.18 -18.88 7.71
C PRO B 152 -24.47 -20.19 7.33
N GLY B 153 -23.33 -20.10 6.67
CA GLY B 153 -22.55 -21.29 6.28
C GLY B 153 -22.83 -21.65 4.85
N GLU B 154 -23.91 -21.13 4.31
CA GLU B 154 -24.32 -21.50 2.94
C GLU B 154 -23.71 -20.55 1.91
N THR B 155 -23.54 -21.03 0.68
CA THR B 155 -22.94 -20.18 -0.36
C THR B 155 -23.97 -19.19 -0.88
N VAL B 156 -23.53 -17.95 -1.08
CA VAL B 156 -24.33 -16.90 -1.64
C VAL B 156 -23.66 -16.44 -2.93
N GLU B 157 -24.36 -15.63 -3.73
CA GLU B 157 -23.81 -15.08 -4.95
C GLU B 157 -24.31 -13.66 -5.03
N LEU B 158 -23.42 -12.74 -5.43
CA LEU B 158 -23.55 -11.31 -5.19
C LEU B 158 -23.20 -10.54 -6.45
N ALA B 159 -23.97 -9.51 -6.72
CA ALA B 159 -23.68 -8.54 -7.76
C ALA B 159 -22.68 -7.55 -7.21
N LEU B 160 -21.42 -7.85 -7.45
CA LEU B 160 -20.34 -6.97 -6.97
C LEU B 160 -19.84 -6.19 -8.18
N GLU B 161 -19.49 -4.94 -7.98
CA GLU B 161 -19.01 -4.08 -9.08
C GLU B 161 -17.85 -4.75 -9.82
N ALA B 162 -17.80 -4.53 -11.13
CA ALA B 162 -16.73 -5.10 -11.97
C ALA B 162 -15.54 -4.16 -12.02
N ALA B 163 -15.78 -2.85 -11.93
CA ALA B 163 -14.67 -1.92 -11.90
C ALA B 163 -14.06 -1.88 -10.50
N ARG B 164 -12.73 -2.00 -10.43
CA ARG B 164 -11.93 -1.92 -9.22
C ARG B 164 -10.77 -0.95 -9.49
N PRO B 165 -10.97 0.37 -9.36
CA PRO B 165 -9.91 1.37 -9.63
C PRO B 165 -8.73 1.54 -8.68
N ALA B 166 -8.85 0.98 -7.47
CA ALA B 166 -7.82 1.03 -6.45
C ALA B 166 -7.09 -0.31 -6.31
N LEU B 167 -7.66 -1.39 -6.86
CA LEU B 167 -7.19 -2.74 -6.58
C LEU B 167 -5.70 -2.88 -6.93
N SER B 168 -5.34 -2.39 -8.11
CA SER B 168 -4.02 -2.59 -8.66
C SER B 168 -3.36 -1.23 -8.84
N PRO B 169 -2.42 -0.84 -7.96
CA PRO B 169 -1.91 0.53 -8.00
C PRO B 169 -1.29 0.84 -9.36
N GLY B 170 -1.61 2.03 -9.89
CA GLY B 170 -1.11 2.49 -11.19
C GLY B 170 -2.10 2.23 -12.32
N PHE B 171 -3.16 1.45 -12.03
CA PHE B 171 -3.97 0.76 -13.03
C PHE B 171 -5.45 0.84 -12.68
N PHE B 172 -6.28 0.86 -13.73
CA PHE B 172 -7.71 0.66 -13.60
C PHE B 172 -8.02 -0.80 -13.94
N TYR B 173 -8.72 -1.46 -13.05
CA TYR B 173 -8.89 -2.90 -13.08
C TYR B 173 -10.38 -3.23 -13.21
N VAL B 174 -10.64 -4.25 -14.01
CA VAL B 174 -12.04 -4.69 -14.25
C VAL B 174 -12.09 -6.21 -14.27
N MET B 175 -13.10 -6.75 -13.63
CA MET B 175 -13.35 -8.18 -13.72
C MET B 175 -14.43 -8.30 -14.78
N GLY B 176 -14.38 -9.34 -15.60
CA GLY B 176 -15.40 -9.54 -16.65
C GLY B 176 -16.75 -9.93 -16.09
N SER B 177 -17.79 -9.74 -16.89
CA SER B 177 -19.16 -10.09 -16.52
C SER B 177 -19.22 -11.53 -16.03
N ARG B 178 -18.54 -12.41 -16.73
CA ARG B 178 -18.67 -13.83 -16.42
C ARG B 178 -17.70 -14.26 -15.34
N PRO B 179 -18.20 -14.98 -14.33
CA PRO B 179 -17.35 -15.46 -13.27
C PRO B 179 -16.20 -16.35 -13.78
N LEU B 180 -15.08 -16.30 -13.06
CA LEU B 180 -13.87 -17.05 -13.45
C LEU B 180 -13.93 -18.49 -12.96
N PRO B 181 -13.19 -19.44 -13.55
CA PRO B 181 -13.16 -20.83 -13.05
C PRO B 181 -12.93 -20.84 -11.54
N ARG B 182 -13.57 -21.79 -10.83
CA ARG B 182 -13.38 -21.89 -9.36
C ARG B 182 -11.88 -21.92 -9.06
N PRO B 183 -11.13 -22.98 -9.44
CA PRO B 183 -9.68 -22.97 -9.30
C PRO B 183 -9.34 -22.36 -10.65
N ALA B 184 -8.89 -21.10 -10.66
CA ALA B 184 -8.69 -20.33 -11.91
C ALA B 184 -7.90 -21.08 -12.98
N GLY B 185 -6.85 -21.77 -12.57
CA GLY B 185 -6.03 -22.53 -13.53
C GLY B 185 -5.13 -21.63 -14.33
N ALA B 186 -4.76 -22.06 -15.53
CA ALA B 186 -3.83 -21.30 -16.37
C ALA B 186 -4.43 -19.95 -16.78
N VAL B 187 -3.61 -18.90 -16.84
CA VAL B 187 -4.07 -17.54 -17.23
C VAL B 187 -3.28 -17.06 -18.45
N ARG B 188 -3.95 -16.79 -19.55
CA ARG B 188 -3.26 -16.21 -20.73
C ARG B 188 -3.20 -14.69 -20.55
N ARG B 189 -1.99 -14.16 -20.46
CA ARG B 189 -1.82 -12.70 -20.35
C ARG B 189 -1.66 -12.11 -21.75
N ILE B 190 -2.39 -11.05 -22.05
CA ILE B 190 -2.21 -10.35 -23.35
C ILE B 190 -1.80 -8.92 -23.02
N PHE B 191 -0.71 -8.45 -23.62
CA PHE B 191 -0.16 -7.12 -23.32
C PHE B 191 -0.33 -6.19 -24.51
N LEU B 192 -0.88 -4.99 -24.29
CA LEU B 192 -1.05 -4.01 -25.38
C LEU B 192 -0.15 -2.81 -25.09
N HIS B 193 0.77 -2.52 -25.98
CA HIS B 193 1.72 -1.38 -25.81
C HIS B 193 1.05 -0.09 -26.24
N ALA B 194 0.12 0.40 -25.45
CA ALA B 194 -0.52 1.68 -25.75
C ALA B 194 0.55 2.76 -25.71
N ARG B 195 0.46 3.71 -26.66
CA ARG B 195 1.48 4.77 -26.76
C ARG B 195 1.06 5.96 -25.91
N ASP B 196 -0.23 6.05 -25.60
CA ASP B 196 -0.75 7.20 -24.82
C ASP B 196 -2.09 6.85 -24.21
N ALA B 197 -2.66 7.78 -23.45
CA ALA B 197 -3.92 7.52 -22.75
C ALA B 197 -5.08 7.44 -23.74
N ASP B 198 -5.07 8.31 -24.74
CA ASP B 198 -6.15 8.30 -25.76
C ASP B 198 -6.13 6.95 -26.47
N ALA B 199 -4.94 6.46 -26.79
CA ALA B 199 -4.81 5.14 -27.46
C ALA B 199 -5.30 4.06 -26.49
N ALA B 200 -4.96 4.20 -25.21
CA ALA B 200 -5.41 3.23 -24.19
C ALA B 200 -6.93 3.12 -24.16
N VAL B 201 -7.62 4.24 -24.03
CA VAL B 201 -9.11 4.25 -23.95
C VAL B 201 -9.70 3.56 -25.19
N VAL B 202 -9.14 3.82 -26.38
CA VAL B 202 -9.66 3.18 -27.58
C VAL B 202 -9.36 1.68 -27.51
N LEU B 203 -8.11 1.35 -27.13
CA LEU B 203 -7.70 -0.06 -27.05
C LEU B 203 -8.48 -0.80 -25.97
N TRP B 204 -8.65 -0.14 -24.84
CA TRP B 204 -9.36 -0.67 -23.70
C TRP B 204 -10.80 -1.00 -24.12
N GLY B 205 -11.48 -0.02 -24.74
CA GLY B 205 -12.84 -0.18 -25.23
C GLY B 205 -12.96 -1.34 -26.21
N ALA B 206 -12.11 -1.30 -27.24
CA ALA B 206 -12.03 -2.36 -28.24
C ALA B 206 -11.95 -3.74 -27.59
N ALA B 207 -10.99 -3.87 -26.67
CA ALA B 207 -10.60 -5.16 -26.13
C ALA B 207 -11.68 -5.74 -25.21
N LEU B 208 -12.26 -4.89 -24.35
CA LEU B 208 -13.37 -5.29 -23.50
C LEU B 208 -14.60 -5.73 -24.30
N GLY B 209 -14.97 -4.92 -25.34
CA GLY B 209 -15.97 -5.31 -26.32
C GLY B 209 -15.83 -6.78 -26.75
N ALA B 210 -14.71 -7.07 -27.41
CA ALA B 210 -14.40 -8.37 -28.01
C ALA B 210 -14.52 -9.49 -26.99
N LEU B 211 -13.89 -9.24 -25.83
CA LEU B 211 -13.80 -10.19 -24.73
C LEU B 211 -15.19 -10.53 -24.18
N GLU B 212 -16.03 -9.53 -24.05
CA GLU B 212 -17.40 -9.75 -23.54
C GLU B 212 -18.22 -10.39 -24.68
N GLU B 213 -18.00 -9.96 -25.92
CA GLU B 213 -18.71 -10.58 -27.07
C GLU B 213 -18.28 -12.04 -27.18
N ALA B 214 -16.99 -12.31 -27.01
CA ALA B 214 -16.46 -13.67 -27.16
C ALA B 214 -16.80 -14.53 -25.96
N ALA B 215 -17.52 -13.95 -25.00
CA ALA B 215 -17.91 -14.70 -23.78
C ALA B 215 -16.67 -15.08 -22.97
N ALA B 216 -15.69 -14.20 -22.90
CA ALA B 216 -14.42 -14.52 -22.23
C ALA B 216 -14.51 -14.50 -20.70
N LEU B 217 -13.75 -15.38 -20.07
CA LEU B 217 -13.65 -15.41 -18.60
C LEU B 217 -12.37 -14.66 -18.31
N TYR B 218 -12.49 -13.41 -17.87
CA TYR B 218 -11.27 -12.59 -17.77
C TYR B 218 -11.28 -11.46 -16.76
N HIS B 219 -10.10 -10.96 -16.47
CA HIS B 219 -9.93 -9.72 -15.68
C HIS B 219 -9.01 -8.90 -16.58
N ALA B 220 -9.04 -7.58 -16.48
CA ALA B 220 -8.15 -6.79 -17.29
C ALA B 220 -7.79 -5.53 -16.53
N LYS B 221 -6.72 -4.86 -16.96
CA LYS B 221 -6.43 -3.56 -16.38
C LYS B 221 -5.72 -2.71 -17.40
N VAL B 222 -5.67 -1.42 -17.10
CA VAL B 222 -5.08 -0.42 -17.97
C VAL B 222 -4.52 0.70 -17.10
N LEU B 223 -3.33 1.20 -17.46
CA LEU B 223 -2.68 2.31 -16.79
C LEU B 223 -3.63 3.48 -16.57
N SER B 224 -3.73 4.00 -15.34
CA SER B 224 -4.70 5.06 -15.03
C SER B 224 -4.01 6.38 -14.73
N ASP B 225 -2.68 6.40 -14.87
CA ASP B 225 -1.86 7.64 -14.85
C ASP B 225 -1.39 7.95 -16.27
N PRO B 226 -1.83 9.06 -16.87
CA PRO B 226 -1.45 9.39 -18.24
C PRO B 226 0.06 9.63 -18.43
N GLN B 227 0.78 9.92 -17.36
CA GLN B 227 2.20 10.30 -17.44
C GLN B 227 3.08 9.05 -17.51
N ASP B 228 2.47 7.88 -17.57
CA ASP B 228 3.20 6.59 -17.38
C ASP B 228 3.20 5.82 -18.70
N PHE B 229 2.49 6.33 -19.70
CA PHE B 229 2.58 5.85 -21.09
C PHE B 229 3.79 6.53 -21.72
N PRO B 230 4.51 5.89 -22.66
CA PRO B 230 4.10 4.60 -23.20
C PRO B 230 4.62 3.45 -22.34
N ARG B 231 3.96 2.30 -22.45
CA ARG B 231 4.34 1.07 -21.74
C ARG B 231 3.81 -0.12 -22.52
N ARG B 232 4.53 -1.23 -22.44
CA ARG B 232 4.23 -2.46 -23.21
C ARG B 232 3.11 -3.22 -22.52
N ASP B 233 2.90 -2.94 -21.23
CA ASP B 233 1.84 -3.60 -20.45
C ASP B 233 0.83 -2.53 -20.07
N ALA B 234 0.70 -1.51 -20.90
CA ALA B 234 -0.22 -0.42 -20.65
C ALA B 234 -1.63 -0.97 -20.48
N VAL B 235 -1.93 -2.03 -21.22
CA VAL B 235 -3.17 -2.78 -21.04
C VAL B 235 -2.72 -4.19 -20.82
N VAL B 236 -3.36 -4.87 -19.86
CA VAL B 236 -3.10 -6.27 -19.65
C VAL B 236 -4.45 -6.98 -19.48
N LEU B 237 -4.61 -8.06 -20.25
CA LEU B 237 -5.79 -8.89 -20.23
C LEU B 237 -5.39 -10.24 -19.65
N TYR B 238 -6.23 -10.75 -18.77
CA TYR B 238 -6.02 -12.00 -18.08
C TYR B 238 -7.17 -12.92 -18.46
N LEU B 239 -6.90 -13.77 -19.43
CA LEU B 239 -7.91 -14.68 -20.00
C LEU B 239 -7.80 -16.04 -19.34
N HIS B 240 -8.89 -16.48 -18.78
CA HIS B 240 -8.90 -17.79 -18.10
C HIS B 240 -9.69 -18.79 -18.94
N GLY B 241 -9.67 -20.04 -18.52
CA GLY B 241 -10.43 -21.08 -19.21
C GLY B 241 -9.95 -21.32 -20.62
N ASP B 242 -10.83 -21.07 -21.58
CA ASP B 242 -10.44 -21.24 -22.96
C ASP B 242 -10.09 -19.88 -23.57
N HIS B 243 -8.80 -19.72 -23.82
CA HIS B 243 -8.21 -18.43 -24.10
C HIS B 243 -8.31 -18.07 -25.58
N ARG B 244 -8.59 -19.06 -26.46
CA ARG B 244 -8.48 -18.89 -27.90
C ARG B 244 -9.60 -17.98 -28.44
N PRO B 245 -10.88 -18.13 -28.02
CA PRO B 245 -11.94 -17.24 -28.49
C PRO B 245 -11.58 -15.80 -28.15
N GLY B 246 -11.34 -15.50 -26.85
CA GLY B 246 -11.05 -14.15 -26.38
C GLY B 246 -9.82 -13.58 -27.06
N GLU B 247 -8.78 -14.41 -27.14
CA GLU B 247 -7.53 -14.02 -27.80
C GLU B 247 -7.75 -13.67 -29.27
N ARG B 248 -8.55 -14.49 -30.00
CA ARG B 248 -8.84 -14.27 -31.41
C ARG B 248 -9.64 -12.97 -31.53
N ALA B 249 -10.68 -12.87 -30.72
CA ALA B 249 -11.53 -11.69 -30.66
C ALA B 249 -10.71 -10.43 -30.38
N VAL B 250 -9.85 -10.50 -29.36
CA VAL B 250 -9.04 -9.35 -29.03
C VAL B 250 -8.15 -9.03 -30.23
N THR B 251 -7.47 -10.03 -30.76
CA THR B 251 -6.45 -9.75 -31.82
C THR B 251 -7.11 -9.20 -33.09
N GLU B 252 -8.37 -9.55 -33.35
CA GLU B 252 -9.08 -8.98 -34.52
C GLU B 252 -9.56 -7.57 -34.19
N ALA B 253 -9.95 -7.32 -32.94
CA ALA B 253 -10.52 -6.01 -32.56
C ALA B 253 -9.45 -4.92 -32.50
N VAL B 254 -8.19 -5.30 -32.35
CA VAL B 254 -7.12 -4.28 -32.16
C VAL B 254 -6.14 -4.31 -33.34
N SER B 255 -6.04 -5.45 -34.03
CA SER B 255 -5.05 -5.60 -35.13
C SER B 255 -5.11 -4.38 -36.04
N ARG B 256 -6.29 -3.80 -36.16
CA ARG B 256 -6.45 -2.57 -36.96
C ARG B 256 -5.59 -1.45 -36.37
N TYR B 257 -5.47 -1.39 -35.05
CA TYR B 257 -4.74 -0.28 -34.39
C TYR B 257 -3.27 -0.62 -34.15
N ALA B 258 -2.86 -1.86 -34.45
CA ALA B 258 -1.48 -2.24 -34.14
C ALA B 258 -0.46 -1.48 -35.00
N GLY B 259 0.55 -0.89 -34.33
CA GLY B 259 1.50 0.01 -34.95
C GLY B 259 1.13 1.49 -34.77
N THR B 260 -0.17 1.81 -34.74
CA THR B 260 -0.61 3.22 -34.64
C THR B 260 -0.93 3.58 -33.19
N LEU B 261 -1.90 2.88 -32.59
CA LEU B 261 -2.26 3.15 -31.21
C LEU B 261 -1.31 2.38 -30.29
N THR B 262 -0.78 1.23 -30.75
CA THR B 262 0.24 0.51 -30.01
C THR B 262 1.61 0.77 -30.63
N GLY B 263 2.64 1.06 -29.80
CA GLY B 263 4.02 1.08 -30.25
C GLY B 263 4.44 -0.30 -30.75
N PRO B 264 5.36 -0.42 -31.72
CA PRO B 264 5.65 -1.72 -32.33
C PRO B 264 6.42 -2.77 -31.51
N ASP B 265 7.25 -2.34 -30.59
CA ASP B 265 8.12 -3.28 -29.85
C ASP B 265 7.39 -4.04 -28.78
N THR B 266 7.74 -5.26 -28.55
CA THR B 266 7.18 -6.03 -27.45
C THR B 266 8.30 -6.76 -26.73
N SER B 267 7.99 -7.35 -25.58
CA SER B 267 9.01 -8.06 -24.76
C SER B 267 9.58 -9.28 -25.48
N VAL B 268 10.85 -9.56 -25.25
CA VAL B 268 11.53 -10.73 -25.84
C VAL B 268 10.96 -12.01 -25.24
N PHE B 269 10.40 -11.92 -24.04
CA PHE B 269 9.88 -13.12 -23.34
C PHE B 269 8.49 -13.50 -23.86
N THR B 270 7.82 -12.60 -24.56
CA THR B 270 6.45 -12.84 -24.97
C THR B 270 6.43 -13.30 -26.43
N GLU B 271 5.26 -13.84 -26.83
CA GLU B 271 4.88 -14.11 -28.21
C GLU B 271 4.22 -12.86 -28.81
N GLU B 272 4.67 -12.42 -29.98
CA GLU B 272 4.08 -11.26 -30.62
C GLU B 272 2.88 -11.74 -31.46
N LEU B 273 1.72 -11.09 -31.30
CA LEU B 273 0.51 -11.37 -32.04
C LEU B 273 0.30 -10.29 -33.11
N ALA B 274 0.77 -9.08 -32.86
CA ALA B 274 0.76 -7.96 -33.80
C ALA B 274 1.67 -6.89 -33.23
N PRO B 275 2.14 -5.90 -34.03
CA PRO B 275 2.97 -4.84 -33.47
C PRO B 275 2.37 -4.34 -32.15
N GLY B 276 3.12 -4.54 -31.04
CA GLY B 276 2.72 -3.99 -29.75
C GLY B 276 1.56 -4.73 -29.10
N VAL B 277 1.32 -5.98 -29.52
CA VAL B 277 0.33 -6.87 -28.93
C VAL B 277 1.04 -8.19 -28.65
N ALA B 278 1.38 -8.46 -27.38
CA ALA B 278 2.08 -9.71 -27.07
C ALA B 278 1.25 -10.56 -26.11
N ALA B 279 1.61 -11.85 -26.00
CA ALA B 279 0.91 -12.77 -25.12
C ALA B 279 1.91 -13.69 -24.41
N ALA B 280 1.45 -14.20 -23.25
CA ALA B 280 2.21 -15.14 -22.46
C ALA B 280 1.24 -15.84 -21.52
N TRP B 281 1.81 -16.58 -20.56
CA TRP B 281 1.09 -17.29 -19.49
C TRP B 281 1.63 -16.84 -18.14
N ASP B 282 0.76 -16.76 -17.13
CA ASP B 282 1.18 -16.59 -15.74
C ASP B 282 2.18 -17.71 -15.43
N PRO B 283 3.30 -17.42 -14.72
CA PRO B 283 4.22 -18.47 -14.29
C PRO B 283 3.55 -19.63 -13.53
N GLN B 284 4.15 -20.81 -13.64
CA GLN B 284 3.71 -22.00 -12.94
C GLN B 284 5.01 -22.62 -12.44
N ASP B 285 5.63 -21.92 -11.49
CA ASP B 285 6.93 -22.29 -10.93
C ASP B 285 6.71 -23.35 -9.85
N PRO B 286 7.32 -24.54 -10.04
CA PRO B 286 7.23 -25.65 -9.07
C PRO B 286 7.59 -25.35 -7.62
N ARG B 287 8.58 -24.46 -7.42
CA ARG B 287 9.30 -24.30 -6.17
C ARG B 287 8.55 -23.37 -5.22
N PRO B 288 8.56 -23.68 -3.89
CA PRO B 288 7.96 -22.81 -2.88
C PRO B 288 8.94 -21.69 -2.55
N GLY B 289 8.41 -20.46 -2.41
CA GLY B 289 9.25 -19.30 -2.15
C GLY B 289 9.60 -18.53 -3.42
N GLN B 290 9.47 -19.17 -4.60
CA GLN B 290 9.68 -18.51 -5.88
C GLN B 290 8.31 -18.28 -6.52
N SER B 291 7.43 -17.57 -5.77
CA SER B 291 6.03 -17.41 -6.11
C SER B 291 5.60 -15.95 -5.95
N GLY B 292 4.44 -15.62 -6.55
CA GLY B 292 3.90 -14.27 -6.48
C GLY B 292 4.66 -13.28 -7.35
N MET B 293 5.44 -13.77 -8.32
CA MET B 293 6.19 -12.94 -9.26
C MET B 293 5.33 -12.71 -10.49
N SER B 294 5.48 -11.51 -11.12
CA SER B 294 4.90 -11.29 -12.44
C SER B 294 5.66 -12.11 -13.50
N PHE B 295 5.03 -12.26 -14.67
CA PHE B 295 5.61 -12.97 -15.80
C PHE B 295 7.00 -12.41 -16.14
N GLY B 296 7.08 -11.10 -16.35
CA GLY B 296 8.31 -10.42 -16.69
C GLY B 296 9.41 -10.60 -15.65
N GLN B 297 9.10 -10.41 -14.38
CA GLN B 297 10.11 -10.57 -13.31
C GLN B 297 10.53 -12.04 -13.18
N HIS B 298 9.59 -12.97 -13.34
CA HIS B 298 9.91 -14.41 -13.22
C HIS B 298 10.92 -14.82 -14.29
N ARG B 299 10.66 -14.41 -15.52
CA ARG B 299 11.53 -14.79 -16.66
C ARG B 299 12.89 -14.14 -16.47
N ALA B 300 12.91 -12.87 -16.08
CA ALA B 300 14.17 -12.13 -15.88
C ALA B 300 15.00 -12.72 -14.74
N PHE B 301 14.35 -13.09 -13.65
CA PHE B 301 15.06 -13.72 -12.50
C PHE B 301 15.71 -15.03 -12.93
N ALA B 302 14.99 -15.83 -13.71
CA ALA B 302 15.52 -17.15 -14.15
C ALA B 302 16.67 -16.95 -15.14
N LEU B 303 16.58 -15.93 -15.98
CA LEU B 303 17.67 -15.63 -16.93
C LEU B 303 18.90 -15.16 -16.15
N ALA B 304 18.70 -14.28 -15.18
CA ALA B 304 19.81 -13.77 -14.34
C ALA B 304 20.43 -14.93 -13.56
N SER B 305 19.61 -15.80 -13.01
CA SER B 305 20.09 -16.97 -12.25
C SER B 305 20.95 -17.89 -13.16
N GLY B 306 20.54 -18.09 -14.41
CA GLY B 306 21.26 -18.98 -15.32
C GLY B 306 22.54 -18.30 -15.79
N LEU B 307 22.43 -17.01 -16.14
CA LEU B 307 23.60 -16.19 -16.45
C LEU B 307 24.58 -16.10 -15.27
N ILE B 308 24.08 -15.94 -14.04
CA ILE B 308 24.96 -15.84 -12.89
C ILE B 308 25.69 -17.17 -12.72
N ASP B 309 24.93 -18.28 -12.82
CA ASP B 309 25.45 -19.62 -12.60
C ASP B 309 26.57 -19.90 -13.59
N CYS B 310 26.34 -19.58 -14.87
CA CYS B 310 27.36 -19.62 -15.91
C CYS B 310 28.64 -18.93 -15.43
N ALA B 311 28.53 -17.66 -15.02
CA ALA B 311 29.67 -16.85 -14.61
C ALA B 311 30.35 -17.37 -13.33
N LEU B 312 29.65 -18.15 -12.48
CA LEU B 312 30.24 -18.77 -11.30
C LEU B 312 30.97 -20.09 -11.62
N ALA B 313 30.90 -20.62 -12.84
CA ALA B 313 31.71 -21.77 -13.22
C ALA B 313 32.88 -21.28 -14.09
N PRO B 346 27.60 -21.34 -25.81
CA PRO B 346 27.13 -22.73 -25.85
C PRO B 346 26.94 -23.28 -24.43
N GLY B 347 27.98 -23.22 -23.61
CA GLY B 347 27.83 -23.62 -22.20
C GLY B 347 26.99 -22.61 -21.48
N ARG B 348 27.08 -21.35 -21.88
CA ARG B 348 26.24 -20.29 -21.30
C ARG B 348 24.79 -20.62 -21.64
N ALA B 349 24.52 -20.92 -22.91
CA ALA B 349 23.13 -21.21 -23.25
C ALA B 349 22.57 -22.39 -22.41
N GLU B 350 23.41 -23.34 -21.98
CA GLU B 350 22.90 -24.48 -21.22
C GLU B 350 22.59 -24.09 -19.79
N HIS B 351 23.44 -23.27 -19.16
CA HIS B 351 23.12 -22.69 -17.86
C HIS B 351 21.76 -21.96 -17.89
N VAL B 352 21.51 -21.22 -18.98
CA VAL B 352 20.29 -20.43 -19.14
C VAL B 352 19.10 -21.37 -19.35
N VAL B 353 19.27 -22.34 -20.22
CA VAL B 353 18.18 -23.30 -20.49
C VAL B 353 17.88 -24.03 -19.19
N ARG B 354 18.93 -24.40 -18.45
CA ARG B 354 18.72 -25.11 -17.21
C ARG B 354 17.90 -24.29 -16.22
N ALA B 355 18.26 -23.02 -16.04
CA ALA B 355 17.65 -22.20 -15.01
C ALA B 355 16.20 -21.90 -15.40
N LEU B 356 15.93 -21.63 -16.68
CA LEU B 356 14.54 -21.44 -17.14
C LEU B 356 13.71 -22.69 -16.86
N ARG B 357 14.28 -23.86 -17.15
CA ARG B 357 13.56 -25.14 -17.01
C ARG B 357 13.27 -25.38 -15.54
N GLU B 358 14.22 -25.06 -14.68
CA GLU B 358 14.00 -25.22 -13.22
C GLU B 358 12.94 -24.22 -12.75
N ALA B 359 12.76 -23.11 -13.48
CA ALA B 359 11.72 -22.14 -13.13
C ALA B 359 10.37 -22.51 -13.74
N GLY B 360 10.29 -23.61 -14.52
CA GLY B 360 9.04 -24.04 -15.14
C GLY B 360 8.81 -23.37 -16.50
N ILE B 361 9.84 -22.72 -17.01
CA ILE B 361 9.71 -21.97 -18.30
C ILE B 361 10.17 -22.84 -19.45
N ASP B 362 9.39 -22.87 -20.52
CA ASP B 362 9.80 -23.57 -21.73
C ASP B 362 10.89 -22.74 -22.41
N PRO B 363 12.15 -23.19 -22.44
CA PRO B 363 13.22 -22.38 -23.02
C PRO B 363 13.19 -22.23 -24.54
N LEU B 364 12.42 -23.10 -25.22
CA LEU B 364 12.17 -22.88 -26.65
C LEU B 364 11.10 -21.81 -26.86
N HIS B 365 10.22 -21.66 -25.85
CA HIS B 365 9.00 -20.87 -25.94
C HIS B 365 8.76 -20.30 -24.56
N PRO B 366 9.50 -19.24 -24.17
CA PRO B 366 9.52 -18.78 -22.78
C PRO B 366 8.30 -17.99 -22.35
N GLN B 367 7.44 -17.61 -23.32
CA GLN B 367 6.11 -17.13 -23.06
C GLN B 367 5.23 -18.21 -22.41
N ASN B 368 5.68 -19.48 -22.39
CA ASN B 368 4.88 -20.60 -21.93
C ASN B 368 5.60 -21.36 -20.82
N ASN B 369 4.85 -22.22 -20.15
CA ASN B 369 5.41 -23.00 -19.04
C ASN B 369 5.42 -24.48 -19.37
N LEU B 370 6.39 -25.22 -18.84
CA LEU B 370 6.38 -26.67 -18.91
C LEU B 370 5.26 -27.20 -18.00
NA NA C . 16.51 4.77 12.18
C1 GOL D . -4.52 4.18 19.05
O1 GOL D . -5.57 5.10 18.82
C2 GOL D . -3.44 4.29 18.01
O2 GOL D . -2.75 5.53 18.13
C3 GOL D . -2.45 3.14 18.02
O3 GOL D . -2.16 2.70 16.71
C ACY E . -16.57 8.69 18.33
O ACY E . -15.48 8.82 18.93
OXT ACY E . -17.57 9.45 18.51
CH3 ACY E . -16.67 7.53 17.30
C1 GOL F . -13.98 -10.20 -5.49
O1 GOL F . -15.07 -9.56 -6.17
C2 GOL F . -13.31 -9.32 -4.45
O2 GOL F . -13.18 -10.09 -3.26
C3 GOL F . -11.96 -8.80 -4.89
O3 GOL F . -11.38 -7.83 -4.01
#